data_194D
# 
_entry.id   194D 
# 
_audit_conform.dict_name       mmcif_pdbx.dic 
_audit_conform.dict_version    5.385 
_audit_conform.dict_location   http://mmcif.pdb.org/dictionaries/ascii/mmcif_pdbx.dic 
# 
loop_
_database_2.database_id 
_database_2.database_code 
_database_2.pdbx_database_accession 
_database_2.pdbx_DOI 
PDB   194D         pdb_0000194d 10.2210/pdb194d/pdb 
RCSB  BDL059       ?            ?                   
WWPDB D_1000170209 ?            ?                   
# 
loop_
_pdbx_audit_revision_history.ordinal 
_pdbx_audit_revision_history.data_content_type 
_pdbx_audit_revision_history.major_revision 
_pdbx_audit_revision_history.minor_revision 
_pdbx_audit_revision_history.revision_date 
1 'Structure model' 1 0 1995-03-31 
2 'Structure model' 1 1 2008-05-22 
3 'Structure model' 1 2 2011-07-13 
4 'Structure model' 1 3 2024-02-07 
# 
_pdbx_audit_revision_details.ordinal             1 
_pdbx_audit_revision_details.revision_ordinal    1 
_pdbx_audit_revision_details.data_content_type   'Structure model' 
_pdbx_audit_revision_details.provider            repository 
_pdbx_audit_revision_details.type                'Initial release' 
_pdbx_audit_revision_details.description         ? 
_pdbx_audit_revision_details.details             ? 
# 
loop_
_pdbx_audit_revision_group.ordinal 
_pdbx_audit_revision_group.revision_ordinal 
_pdbx_audit_revision_group.data_content_type 
_pdbx_audit_revision_group.group 
1 2 'Structure model' 'Version format compliance' 
2 3 'Structure model' 'Version format compliance' 
3 4 'Structure model' 'Data collection'           
4 4 'Structure model' 'Database references'       
# 
loop_
_pdbx_audit_revision_category.ordinal 
_pdbx_audit_revision_category.revision_ordinal 
_pdbx_audit_revision_category.data_content_type 
_pdbx_audit_revision_category.category 
1 4 'Structure model' chem_comp_atom 
2 4 'Structure model' chem_comp_bond 
3 4 'Structure model' database_2     
# 
loop_
_pdbx_audit_revision_item.ordinal 
_pdbx_audit_revision_item.revision_ordinal 
_pdbx_audit_revision_item.data_content_type 
_pdbx_audit_revision_item.item 
1 4 'Structure model' '_database_2.pdbx_DOI'                
2 4 'Structure model' '_database_2.pdbx_database_accession' 
# 
_pdbx_database_status.status_code                     REL 
_pdbx_database_status.entry_id                        194D 
_pdbx_database_status.recvd_initial_deposition_date   1994-10-04 
_pdbx_database_status.deposit_site                    BNL 
_pdbx_database_status.process_site                    NDB 
_pdbx_database_status.status_code_sf                  REL 
_pdbx_database_status.status_code_mr                  ? 
_pdbx_database_status.SG_entry                        ? 
_pdbx_database_status.pdb_format_compatible           Y 
_pdbx_database_status.status_code_cs                  ? 
_pdbx_database_status.status_code_nmr_data            ? 
_pdbx_database_status.methods_development_category    ? 
# 
loop_
_audit_author.name 
_audit_author.pdbx_ordinal 
'Balendiran, K.'    1 
'Rao, S.T.'         2 
'Sekharudu, C.Y.'   3 
'Zon, G.'           4 
'Sundaralingam, M.' 5 
# 
_citation.id                        primary 
_citation.title                     
'X-ray structures of the B-DNA dodecamer d(CGCGTTAACGCG) with an inverted central tetranucleotide and its netropsin complex.' 
_citation.journal_abbrev            'Acta Crystallogr.,Sect.D' 
_citation.journal_volume            51 
_citation.page_first                190 
_citation.page_last                 198 
_citation.year                      1995 
_citation.journal_id_ASTM           ABCRE6 
_citation.country                   DK 
_citation.journal_id_ISSN           0907-4449 
_citation.journal_id_CSD            0766 
_citation.book_publisher            ? 
_citation.pdbx_database_id_PubMed   15299320 
_citation.pdbx_database_id_DOI      10.1107/S0907444994010759 
# 
loop_
_citation_author.citation_id 
_citation_author.name 
_citation_author.ordinal 
_citation_author.identifier_ORCID 
primary 'Balendiran, K.'    1 ? 
primary 'Rao, S.T.'         2 ? 
primary 'Sekharudu, C.Y.'   3 ? 
primary 'Zon, G.'           4 ? 
primary 'Sundaralingam, M.' 5 ? 
# 
loop_
_entity.id 
_entity.type 
_entity.src_method 
_entity.pdbx_description 
_entity.formula_weight 
_entity.pdbx_number_of_molecules 
_entity.pdbx_ec 
_entity.pdbx_mutation 
_entity.pdbx_fragment 
_entity.details 
1 polymer syn 
;DNA (5'-D(*CP*GP*CP*GP*TP*TP*AP*AP*CP*GP*CP*G)-3')
;
3663.392 2  ? ? ? ? 
2 water   nat water                                                18.015   70 ? ? ? ? 
# 
_entity_poly.entity_id                      1 
_entity_poly.type                           polydeoxyribonucleotide 
_entity_poly.nstd_linkage                   no 
_entity_poly.nstd_monomer                   no 
_entity_poly.pdbx_seq_one_letter_code       '(DC)(DG)(DC)(DG)(DT)(DT)(DA)(DA)(DC)(DG)(DC)(DG)' 
_entity_poly.pdbx_seq_one_letter_code_can   CGCGTTAACGCG 
_entity_poly.pdbx_strand_id                 A,B 
_entity_poly.pdbx_target_identifier         ? 
# 
_pdbx_entity_nonpoly.entity_id   2 
_pdbx_entity_nonpoly.name        water 
_pdbx_entity_nonpoly.comp_id     HOH 
# 
loop_
_entity_poly_seq.entity_id 
_entity_poly_seq.num 
_entity_poly_seq.mon_id 
_entity_poly_seq.hetero 
1 1  DC n 
1 2  DG n 
1 3  DC n 
1 4  DG n 
1 5  DT n 
1 6  DT n 
1 7  DA n 
1 8  DA n 
1 9  DC n 
1 10 DG n 
1 11 DC n 
1 12 DG n 
# 
loop_
_chem_comp.id 
_chem_comp.type 
_chem_comp.mon_nstd_flag 
_chem_comp.name 
_chem_comp.pdbx_synonyms 
_chem_comp.formula 
_chem_comp.formula_weight 
DA  'DNA linking' y "2'-DEOXYADENOSINE-5'-MONOPHOSPHATE" ? 'C10 H14 N5 O6 P' 331.222 
DC  'DNA linking' y "2'-DEOXYCYTIDINE-5'-MONOPHOSPHATE"  ? 'C9 H14 N3 O7 P'  307.197 
DG  'DNA linking' y "2'-DEOXYGUANOSINE-5'-MONOPHOSPHATE" ? 'C10 H14 N5 O7 P' 347.221 
DT  'DNA linking' y "THYMIDINE-5'-MONOPHOSPHATE"         ? 'C10 H15 N2 O8 P' 322.208 
HOH non-polymer   . WATER                                ? 'H2 O'            18.015  
# 
loop_
_pdbx_poly_seq_scheme.asym_id 
_pdbx_poly_seq_scheme.entity_id 
_pdbx_poly_seq_scheme.seq_id 
_pdbx_poly_seq_scheme.mon_id 
_pdbx_poly_seq_scheme.ndb_seq_num 
_pdbx_poly_seq_scheme.pdb_seq_num 
_pdbx_poly_seq_scheme.auth_seq_num 
_pdbx_poly_seq_scheme.pdb_mon_id 
_pdbx_poly_seq_scheme.auth_mon_id 
_pdbx_poly_seq_scheme.pdb_strand_id 
_pdbx_poly_seq_scheme.pdb_ins_code 
_pdbx_poly_seq_scheme.hetero 
A 1 1  DC 1  1  1  DC C A . n 
A 1 2  DG 2  2  2  DG G A . n 
A 1 3  DC 3  3  3  DC C A . n 
A 1 4  DG 4  4  4  DG G A . n 
A 1 5  DT 5  5  5  DT T A . n 
A 1 6  DT 6  6  6  DT T A . n 
A 1 7  DA 7  7  7  DA A A . n 
A 1 8  DA 8  8  8  DA A A . n 
A 1 9  DC 9  9  9  DC C A . n 
A 1 10 DG 10 10 10 DG G A . n 
A 1 11 DC 11 11 11 DC C A . n 
A 1 12 DG 12 12 12 DG G A . n 
B 1 1  DC 1  13 13 DC C B . n 
B 1 2  DG 2  14 14 DG G B . n 
B 1 3  DC 3  15 15 DC C B . n 
B 1 4  DG 4  16 16 DG G B . n 
B 1 5  DT 5  17 17 DT T B . n 
B 1 6  DT 6  18 18 DT T B . n 
B 1 7  DA 7  19 19 DA A B . n 
B 1 8  DA 8  20 20 DA A B . n 
B 1 9  DC 9  21 21 DC C B . n 
B 1 10 DG 10 22 22 DG G B . n 
B 1 11 DC 11 23 23 DC C B . n 
B 1 12 DG 12 24 24 DG G B . n 
# 
loop_
_pdbx_nonpoly_scheme.asym_id 
_pdbx_nonpoly_scheme.entity_id 
_pdbx_nonpoly_scheme.mon_id 
_pdbx_nonpoly_scheme.ndb_seq_num 
_pdbx_nonpoly_scheme.pdb_seq_num 
_pdbx_nonpoly_scheme.auth_seq_num 
_pdbx_nonpoly_scheme.pdb_mon_id 
_pdbx_nonpoly_scheme.auth_mon_id 
_pdbx_nonpoly_scheme.pdb_strand_id 
_pdbx_nonpoly_scheme.pdb_ins_code 
C 2 HOH 1  27 27 HOH HOH A . 
C 2 HOH 2  28 28 HOH HOH A . 
C 2 HOH 3  29 29 HOH HOH A . 
C 2 HOH 4  31 31 HOH HOH A . 
C 2 HOH 5  32 32 HOH HOH A . 
C 2 HOH 6  33 33 HOH HOH A . 
C 2 HOH 7  34 34 HOH HOH A . 
C 2 HOH 8  35 35 HOH HOH A . 
C 2 HOH 9  42 42 HOH HOH A . 
C 2 HOH 10 44 44 HOH HOH A . 
C 2 HOH 11 53 53 HOH HOH A . 
C 2 HOH 12 54 54 HOH HOH A . 
C 2 HOH 13 55 55 HOH HOH A . 
C 2 HOH 14 57 57 HOH HOH A . 
C 2 HOH 15 58 58 HOH HOH A . 
C 2 HOH 16 59 59 HOH HOH A . 
C 2 HOH 17 63 63 HOH HOH A . 
C 2 HOH 18 70 70 HOH HOH A . 
C 2 HOH 19 71 71 HOH HOH A . 
C 2 HOH 20 72 72 HOH HOH A . 
C 2 HOH 21 73 73 HOH HOH A . 
C 2 HOH 22 75 75 HOH HOH A . 
C 2 HOH 23 80 80 HOH HOH A . 
C 2 HOH 24 81 81 HOH HOH A . 
C 2 HOH 25 82 82 HOH HOH A . 
C 2 HOH 26 84 84 HOH HOH A . 
C 2 HOH 27 85 85 HOH HOH A . 
C 2 HOH 28 88 88 HOH HOH A . 
C 2 HOH 29 89 89 HOH HOH A . 
C 2 HOH 30 91 91 HOH HOH A . 
C 2 HOH 31 92 92 HOH HOH A . 
C 2 HOH 32 94 94 HOH HOH A . 
D 2 HOH 1  25 25 HOH HOH B . 
D 2 HOH 2  26 26 HOH HOH B . 
D 2 HOH 3  30 30 HOH HOH B . 
D 2 HOH 4  36 36 HOH HOH B . 
D 2 HOH 5  37 37 HOH HOH B . 
D 2 HOH 6  38 38 HOH HOH B . 
D 2 HOH 7  39 39 HOH HOH B . 
D 2 HOH 8  40 40 HOH HOH B . 
D 2 HOH 9  41 41 HOH HOH B . 
D 2 HOH 10 43 43 HOH HOH B . 
D 2 HOH 11 45 45 HOH HOH B . 
D 2 HOH 12 46 46 HOH HOH B . 
D 2 HOH 13 47 47 HOH HOH B . 
D 2 HOH 14 48 48 HOH HOH B . 
D 2 HOH 15 49 49 HOH HOH B . 
D 2 HOH 16 50 50 HOH HOH B . 
D 2 HOH 17 51 51 HOH HOH B . 
D 2 HOH 18 52 52 HOH HOH B . 
D 2 HOH 19 56 56 HOH HOH B . 
D 2 HOH 20 60 60 HOH HOH B . 
D 2 HOH 21 61 61 HOH HOH B . 
D 2 HOH 22 62 62 HOH HOH B . 
D 2 HOH 23 64 64 HOH HOH B . 
D 2 HOH 24 65 65 HOH HOH B . 
D 2 HOH 25 66 66 HOH HOH B . 
D 2 HOH 26 67 67 HOH HOH B . 
D 2 HOH 27 68 68 HOH HOH B . 
D 2 HOH 28 69 69 HOH HOH B . 
D 2 HOH 29 74 74 HOH HOH B . 
D 2 HOH 30 76 76 HOH HOH B . 
D 2 HOH 31 77 77 HOH HOH B . 
D 2 HOH 32 78 78 HOH HOH B . 
D 2 HOH 33 79 79 HOH HOH B . 
D 2 HOH 34 83 83 HOH HOH B . 
D 2 HOH 35 86 86 HOH HOH B . 
D 2 HOH 36 87 87 HOH HOH B . 
D 2 HOH 37 90 90 HOH HOH B . 
D 2 HOH 38 93 93 HOH HOH B . 
# 
_software.name             X-PLOR 
_software.classification   refinement 
_software.version          . 
_software.citation_id      ? 
_software.pdbx_ordinal     1 
# 
_cell.entry_id           194D 
_cell.length_a           25.700 
_cell.length_b           40.500 
_cell.length_c           67.000 
_cell.angle_alpha        90.00 
_cell.angle_beta         90.00 
_cell.angle_gamma        90.00 
_cell.Z_PDB              8 
_cell.pdbx_unique_axis   ? 
# 
_symmetry.entry_id                         194D 
_symmetry.space_group_name_H-M             'P 21 21 21' 
_symmetry.pdbx_full_space_group_name_H-M   ? 
_symmetry.cell_setting                     ? 
_symmetry.Int_Tables_number                19 
# 
_exptl.entry_id          194D 
_exptl.method            'X-RAY DIFFRACTION' 
_exptl.crystals_number   ? 
# 
_exptl_crystal.id                    1 
_exptl_crystal.density_meas          ? 
_exptl_crystal.density_Matthews      2.38 
_exptl_crystal.density_percent_sol   48.31 
_exptl_crystal.description           ? 
# 
_exptl_crystal_grow.crystal_id      1 
_exptl_crystal_grow.method          'VAPOR DIFFUSION' 
_exptl_crystal_grow.temp            282.00 
_exptl_crystal_grow.temp_details    ? 
_exptl_crystal_grow.pH              7.50 
_exptl_crystal_grow.pdbx_details    'pH 7.50, VAPOR DIFFUSION, temperature 282.00K' 
_exptl_crystal_grow.pdbx_pH_range   ? 
# 
loop_
_exptl_crystal_grow_comp.crystal_id 
_exptl_crystal_grow_comp.id 
_exptl_crystal_grow_comp.sol_id 
_exptl_crystal_grow_comp.name 
_exptl_crystal_grow_comp.volume 
_exptl_crystal_grow_comp.conc 
_exptl_crystal_grow_comp.details 
1 1 1 WATER        ? ? ? 
1 2 1 MPD          ? ? ? 
1 3 1 MGCL2        ? ? ? 
1 4 1 SPERMINE_HCL ? ? ? 
1 5 2 WATER        ? ? ? 
1 6 2 MPD          ? ? ? 
# 
_diffrn.id                     1 
_diffrn.ambient_temp           258.00 
_diffrn.ambient_temp_details   ? 
_diffrn.crystal_id             1 
# 
_diffrn_detector.diffrn_id              1 
_diffrn_detector.detector               'AREA DETECTOR' 
_diffrn_detector.type                   ? 
_diffrn_detector.pdbx_collection_date   ? 
_diffrn_detector.details                ? 
# 
_diffrn_radiation.diffrn_id                        1 
_diffrn_radiation.wavelength_id                    1 
_diffrn_radiation.pdbx_monochromatic_or_laue_m_l   ? 
_diffrn_radiation.monochromator                    ? 
_diffrn_radiation.pdbx_diffrn_protocol             ? 
_diffrn_radiation.pdbx_scattering_type             x-ray 
# 
_diffrn_radiation_wavelength.id           1 
_diffrn_radiation_wavelength.wavelength   . 
_diffrn_radiation_wavelength.wt           1.0 
# 
_diffrn_source.diffrn_id                   1 
_diffrn_source.source                      'ROTATING ANODE' 
_diffrn_source.type                        'RIGAKU RU200' 
_diffrn_source.pdbx_synchrotron_site       ? 
_diffrn_source.pdbx_synchrotron_beamline   ? 
_diffrn_source.pdbx_wavelength             ? 
_diffrn_source.pdbx_wavelength_list        ? 
# 
_reflns.entry_id                     194D 
_reflns.observed_criterion_sigma_I   ? 
_reflns.observed_criterion_sigma_F   ? 
_reflns.d_resolution_low             ? 
_reflns.d_resolution_high            2.300 
_reflns.number_obs                   2214 
_reflns.number_all                   ? 
_reflns.percent_possible_obs         ? 
_reflns.pdbx_Rmerge_I_obs            ? 
_reflns.pdbx_Rsym_value              ? 
_reflns.pdbx_netI_over_sigmaI        ? 
_reflns.B_iso_Wilson_estimate        ? 
_reflns.pdbx_redundancy              ? 
_reflns.pdbx_diffrn_id               1 
_reflns.pdbx_ordinal                 1 
# 
_refine.entry_id                                 194D 
_refine.ls_number_reflns_obs                     1522 
_refine.ls_number_reflns_all                     ? 
_refine.pdbx_ls_sigma_I                          ? 
_refine.pdbx_ls_sigma_F                          2.000 
_refine.pdbx_data_cutoff_high_absF               ? 
_refine.pdbx_data_cutoff_low_absF                ? 
_refine.pdbx_data_cutoff_high_rms_absF           ? 
_refine.ls_d_res_low                             6.000 
_refine.ls_d_res_high                            2.300 
_refine.ls_percent_reflns_obs                    ? 
_refine.ls_R_factor_obs                          0.1480000 
_refine.ls_R_factor_all                          ? 
_refine.ls_R_factor_R_work                       0.1480000 
_refine.ls_R_factor_R_free                       ? 
_refine.ls_R_factor_R_free_error                 ? 
_refine.ls_R_factor_R_free_error_details         ? 
_refine.ls_percent_reflns_R_free                 ? 
_refine.ls_number_reflns_R_free                  ? 
_refine.ls_number_parameters                     ? 
_refine.ls_number_restraints                     ? 
_refine.occupancy_min                            ? 
_refine.occupancy_max                            ? 
_refine.B_iso_mean                               ? 
_refine.aniso_B[1][1]                            ? 
_refine.aniso_B[2][2]                            ? 
_refine.aniso_B[3][3]                            ? 
_refine.aniso_B[1][2]                            ? 
_refine.aniso_B[1][3]                            ? 
_refine.aniso_B[2][3]                            ? 
_refine.solvent_model_details                    ? 
_refine.solvent_model_param_ksol                 ? 
_refine.solvent_model_param_bsol                 ? 
_refine.pdbx_ls_cross_valid_method               ? 
_refine.details                                  ? 
_refine.pdbx_starting_model                      ? 
_refine.pdbx_method_to_determine_struct          ? 
_refine.pdbx_isotropic_thermal_model             ? 
_refine.pdbx_stereochemistry_target_values       ? 
_refine.pdbx_stereochem_target_val_spec_case     ? 
_refine.pdbx_R_Free_selection_details            ? 
_refine.pdbx_overall_ESU_R                       ? 
_refine.pdbx_overall_ESU_R_Free                  ? 
_refine.overall_SU_ML                            ? 
_refine.overall_SU_B                             ? 
_refine.pdbx_refine_id                           'X-RAY DIFFRACTION' 
_refine.pdbx_diffrn_id                           1 
_refine.pdbx_TLS_residual_ADP_flag               ? 
_refine.correlation_coeff_Fo_to_Fc               ? 
_refine.correlation_coeff_Fo_to_Fc_free          ? 
_refine.pdbx_solvent_vdw_probe_radii             ? 
_refine.pdbx_solvent_ion_probe_radii             ? 
_refine.pdbx_solvent_shrinkage_radii             ? 
_refine.pdbx_overall_phase_error                 ? 
_refine.overall_SU_R_Cruickshank_DPI             ? 
_refine.pdbx_overall_SU_R_free_Cruickshank_DPI   ? 
_refine.pdbx_overall_SU_R_Blow_DPI               ? 
_refine.pdbx_overall_SU_R_free_Blow_DPI          ? 
# 
_refine_hist.pdbx_refine_id                   'X-RAY DIFFRACTION' 
_refine_hist.cycle_id                         LAST 
_refine_hist.pdbx_number_atoms_protein        0 
_refine_hist.pdbx_number_atoms_nucleic_acid   486 
_refine_hist.pdbx_number_atoms_ligand         0 
_refine_hist.number_atoms_solvent             70 
_refine_hist.number_atoms_total               556 
_refine_hist.d_res_high                       2.300 
_refine_hist.d_res_low                        6.000 
# 
loop_
_refine_ls_restr.type 
_refine_ls_restr.dev_ideal 
_refine_ls_restr.dev_ideal_target 
_refine_ls_restr.weight 
_refine_ls_restr.number 
_refine_ls_restr.pdbx_refine_id 
_refine_ls_restr.pdbx_restraint_function 
x_bond_d                0.015 ? ? ? 'X-RAY DIFFRACTION' ? 
x_bond_d_na             ?     ? ? ? 'X-RAY DIFFRACTION' ? 
x_bond_d_prot           ?     ? ? ? 'X-RAY DIFFRACTION' ? 
x_angle_d               ?     ? ? ? 'X-RAY DIFFRACTION' ? 
x_angle_d_na            ?     ? ? ? 'X-RAY DIFFRACTION' ? 
x_angle_d_prot          ?     ? ? ? 'X-RAY DIFFRACTION' ? 
x_angle_deg             3.20  ? ? ? 'X-RAY DIFFRACTION' ? 
x_angle_deg_na          ?     ? ? ? 'X-RAY DIFFRACTION' ? 
x_angle_deg_prot        ?     ? ? ? 'X-RAY DIFFRACTION' ? 
x_dihedral_angle_d      28.2  ? ? ? 'X-RAY DIFFRACTION' ? 
x_dihedral_angle_d_na   ?     ? ? ? 'X-RAY DIFFRACTION' ? 
x_dihedral_angle_d_prot ?     ? ? ? 'X-RAY DIFFRACTION' ? 
x_improper_angle_d      2.10  ? ? ? 'X-RAY DIFFRACTION' ? 
x_improper_angle_d_na   ?     ? ? ? 'X-RAY DIFFRACTION' ? 
x_improper_angle_d_prot ?     ? ? ? 'X-RAY DIFFRACTION' ? 
x_mcbond_it             ?     ? ? ? 'X-RAY DIFFRACTION' ? 
x_mcangle_it            ?     ? ? ? 'X-RAY DIFFRACTION' ? 
x_scbond_it             ?     ? ? ? 'X-RAY DIFFRACTION' ? 
x_scangle_it            ?     ? ? ? 'X-RAY DIFFRACTION' ? 
# 
_struct.entry_id                  194D 
_struct.title                     
'X-RAY STRUCTURES OF THE B-DNA DODECAMER D(CGCGTTAACGCG) WITH AN INVERTED CENTRAL TETRANUCLEOTIDE AND ITS NETROPSIN COMPLEX' 
_struct.pdbx_model_details        ? 
_struct.pdbx_CASP_flag            ? 
_struct.pdbx_model_type_details   ? 
# 
_struct_keywords.entry_id        194D 
_struct_keywords.pdbx_keywords   DNA 
_struct_keywords.text            'B-DNA, DOUBLE HELIX, DNA' 
# 
loop_
_struct_asym.id 
_struct_asym.pdbx_blank_PDB_chainid_flag 
_struct_asym.pdbx_modified 
_struct_asym.entity_id 
_struct_asym.details 
A N N 1 ? 
B N N 1 ? 
C N N 2 ? 
D N N 2 ? 
# 
_struct_ref.id                         1 
_struct_ref.entity_id                  1 
_struct_ref.db_name                    PDB 
_struct_ref.db_code                    194D 
_struct_ref.pdbx_db_accession          194D 
_struct_ref.pdbx_db_isoform            ? 
_struct_ref.pdbx_seq_one_letter_code   ? 
_struct_ref.pdbx_align_begin           ? 
# 
loop_
_struct_ref_seq.align_id 
_struct_ref_seq.ref_id 
_struct_ref_seq.pdbx_PDB_id_code 
_struct_ref_seq.pdbx_strand_id 
_struct_ref_seq.seq_align_beg 
_struct_ref_seq.pdbx_seq_align_beg_ins_code 
_struct_ref_seq.seq_align_end 
_struct_ref_seq.pdbx_seq_align_end_ins_code 
_struct_ref_seq.pdbx_db_accession 
_struct_ref_seq.db_align_beg 
_struct_ref_seq.pdbx_db_align_beg_ins_code 
_struct_ref_seq.db_align_end 
_struct_ref_seq.pdbx_db_align_end_ins_code 
_struct_ref_seq.pdbx_auth_seq_align_beg 
_struct_ref_seq.pdbx_auth_seq_align_end 
1 1 194D A 1 ? 12 ? 194D 1  ? 12 ? 1  12 
2 1 194D B 1 ? 12 ? 194D 13 ? 24 ? 13 24 
# 
_pdbx_struct_assembly.id                   1 
_pdbx_struct_assembly.details              author_defined_assembly 
_pdbx_struct_assembly.method_details       ? 
_pdbx_struct_assembly.oligomeric_details   dimeric 
_pdbx_struct_assembly.oligomeric_count     2 
# 
_pdbx_struct_assembly_gen.assembly_id       1 
_pdbx_struct_assembly_gen.oper_expression   1 
_pdbx_struct_assembly_gen.asym_id_list      A,B,C,D 
# 
_pdbx_struct_oper_list.id                   1 
_pdbx_struct_oper_list.type                 'identity operation' 
_pdbx_struct_oper_list.name                 1_555 
_pdbx_struct_oper_list.symmetry_operation   x,y,z 
_pdbx_struct_oper_list.matrix[1][1]         1.0000000000 
_pdbx_struct_oper_list.matrix[1][2]         0.0000000000 
_pdbx_struct_oper_list.matrix[1][3]         0.0000000000 
_pdbx_struct_oper_list.vector[1]            0.0000000000 
_pdbx_struct_oper_list.matrix[2][1]         0.0000000000 
_pdbx_struct_oper_list.matrix[2][2]         1.0000000000 
_pdbx_struct_oper_list.matrix[2][3]         0.0000000000 
_pdbx_struct_oper_list.vector[2]            0.0000000000 
_pdbx_struct_oper_list.matrix[3][1]         0.0000000000 
_pdbx_struct_oper_list.matrix[3][2]         0.0000000000 
_pdbx_struct_oper_list.matrix[3][3]         1.0000000000 
_pdbx_struct_oper_list.vector[3]            0.0000000000 
# 
_struct_biol.id   1 
# 
loop_
_struct_conn.id 
_struct_conn.conn_type_id 
_struct_conn.pdbx_leaving_atom_flag 
_struct_conn.pdbx_PDB_id 
_struct_conn.ptnr1_label_asym_id 
_struct_conn.ptnr1_label_comp_id 
_struct_conn.ptnr1_label_seq_id 
_struct_conn.ptnr1_label_atom_id 
_struct_conn.pdbx_ptnr1_label_alt_id 
_struct_conn.pdbx_ptnr1_PDB_ins_code 
_struct_conn.pdbx_ptnr1_standard_comp_id 
_struct_conn.ptnr1_symmetry 
_struct_conn.ptnr2_label_asym_id 
_struct_conn.ptnr2_label_comp_id 
_struct_conn.ptnr2_label_seq_id 
_struct_conn.ptnr2_label_atom_id 
_struct_conn.pdbx_ptnr2_label_alt_id 
_struct_conn.pdbx_ptnr2_PDB_ins_code 
_struct_conn.ptnr1_auth_asym_id 
_struct_conn.ptnr1_auth_comp_id 
_struct_conn.ptnr1_auth_seq_id 
_struct_conn.ptnr2_auth_asym_id 
_struct_conn.ptnr2_auth_comp_id 
_struct_conn.ptnr2_auth_seq_id 
_struct_conn.ptnr2_symmetry 
_struct_conn.pdbx_ptnr3_label_atom_id 
_struct_conn.pdbx_ptnr3_label_seq_id 
_struct_conn.pdbx_ptnr3_label_comp_id 
_struct_conn.pdbx_ptnr3_label_asym_id 
_struct_conn.pdbx_ptnr3_label_alt_id 
_struct_conn.pdbx_ptnr3_PDB_ins_code 
_struct_conn.details 
_struct_conn.pdbx_dist_value 
_struct_conn.pdbx_value_order 
_struct_conn.pdbx_role 
hydrog1  hydrog ? ? A DC 1  N3 ? ? ? 1_555 B DG 12 N1 ? ? A DC 1  B DG 24 1_555 ? ? ? ? ? ? WATSON-CRICK ? ? ? 
hydrog2  hydrog ? ? A DC 1  N4 ? ? ? 1_555 B DG 12 O6 ? ? A DC 1  B DG 24 1_555 ? ? ? ? ? ? WATSON-CRICK ? ? ? 
hydrog3  hydrog ? ? A DC 1  O2 ? ? ? 1_555 B DG 12 N2 ? ? A DC 1  B DG 24 1_555 ? ? ? ? ? ? WATSON-CRICK ? ? ? 
hydrog4  hydrog ? ? A DG 2  N1 ? ? ? 1_555 B DC 11 N3 ? ? A DG 2  B DC 23 1_555 ? ? ? ? ? ? WATSON-CRICK ? ? ? 
hydrog5  hydrog ? ? A DG 2  N2 ? ? ? 1_555 B DC 11 O2 ? ? A DG 2  B DC 23 1_555 ? ? ? ? ? ? WATSON-CRICK ? ? ? 
hydrog6  hydrog ? ? A DG 2  O6 ? ? ? 1_555 B DC 11 N4 ? ? A DG 2  B DC 23 1_555 ? ? ? ? ? ? WATSON-CRICK ? ? ? 
hydrog7  hydrog ? ? A DC 3  N3 ? ? ? 1_555 B DG 10 N1 ? ? A DC 3  B DG 22 1_555 ? ? ? ? ? ? WATSON-CRICK ? ? ? 
hydrog8  hydrog ? ? A DC 3  N4 ? ? ? 1_555 B DG 10 O6 ? ? A DC 3  B DG 22 1_555 ? ? ? ? ? ? WATSON-CRICK ? ? ? 
hydrog9  hydrog ? ? A DC 3  O2 ? ? ? 1_555 B DG 10 N2 ? ? A DC 3  B DG 22 1_555 ? ? ? ? ? ? WATSON-CRICK ? ? ? 
hydrog10 hydrog ? ? A DG 4  N1 ? ? ? 1_555 B DC 9  N3 ? ? A DG 4  B DC 21 1_555 ? ? ? ? ? ? WATSON-CRICK ? ? ? 
hydrog11 hydrog ? ? A DG 4  N2 ? ? ? 1_555 B DC 9  O2 ? ? A DG 4  B DC 21 1_555 ? ? ? ? ? ? WATSON-CRICK ? ? ? 
hydrog12 hydrog ? ? A DG 4  O6 ? ? ? 1_555 B DC 9  N4 ? ? A DG 4  B DC 21 1_555 ? ? ? ? ? ? WATSON-CRICK ? ? ? 
hydrog13 hydrog ? ? A DT 5  N3 ? ? ? 1_555 B DA 8  N1 ? ? A DT 5  B DA 20 1_555 ? ? ? ? ? ? WATSON-CRICK ? ? ? 
hydrog14 hydrog ? ? A DT 5  O4 ? ? ? 1_555 B DA 8  N6 ? ? A DT 5  B DA 20 1_555 ? ? ? ? ? ? WATSON-CRICK ? ? ? 
hydrog15 hydrog ? ? A DT 6  N3 ? ? ? 1_555 B DA 7  N1 ? ? A DT 6  B DA 19 1_555 ? ? ? ? ? ? 'DT-DA PAIR' ? ? ? 
hydrog16 hydrog ? ? A DA 7  N1 ? ? ? 1_555 B DT 6  N3 ? ? A DA 7  B DT 18 1_555 ? ? ? ? ? ? WATSON-CRICK ? ? ? 
hydrog17 hydrog ? ? A DA 7  N6 ? ? ? 1_555 B DT 6  O4 ? ? A DA 7  B DT 18 1_555 ? ? ? ? ? ? WATSON-CRICK ? ? ? 
hydrog18 hydrog ? ? A DA 8  N1 ? ? ? 1_555 B DT 5  N3 ? ? A DA 8  B DT 17 1_555 ? ? ? ? ? ? WATSON-CRICK ? ? ? 
hydrog19 hydrog ? ? A DA 8  N6 ? ? ? 1_555 B DT 5  O4 ? ? A DA 8  B DT 17 1_555 ? ? ? ? ? ? WATSON-CRICK ? ? ? 
hydrog20 hydrog ? ? A DC 9  N3 ? ? ? 1_555 B DG 4  N1 ? ? A DC 9  B DG 16 1_555 ? ? ? ? ? ? WATSON-CRICK ? ? ? 
hydrog21 hydrog ? ? A DC 9  N4 ? ? ? 1_555 B DG 4  O6 ? ? A DC 9  B DG 16 1_555 ? ? ? ? ? ? WATSON-CRICK ? ? ? 
hydrog22 hydrog ? ? A DC 9  O2 ? ? ? 1_555 B DG 4  N2 ? ? A DC 9  B DG 16 1_555 ? ? ? ? ? ? WATSON-CRICK ? ? ? 
hydrog23 hydrog ? ? A DG 10 N1 ? ? ? 1_555 B DC 3  N3 ? ? A DG 10 B DC 15 1_555 ? ? ? ? ? ? WATSON-CRICK ? ? ? 
hydrog24 hydrog ? ? A DG 10 N2 ? ? ? 1_555 B DC 3  O2 ? ? A DG 10 B DC 15 1_555 ? ? ? ? ? ? WATSON-CRICK ? ? ? 
hydrog25 hydrog ? ? A DG 10 O6 ? ? ? 1_555 B DC 3  N4 ? ? A DG 10 B DC 15 1_555 ? ? ? ? ? ? WATSON-CRICK ? ? ? 
hydrog26 hydrog ? ? A DC 11 N3 ? ? ? 1_555 B DG 2  N1 ? ? A DC 11 B DG 14 1_555 ? ? ? ? ? ? WATSON-CRICK ? ? ? 
hydrog27 hydrog ? ? A DC 11 N4 ? ? ? 1_555 B DG 2  O6 ? ? A DC 11 B DG 14 1_555 ? ? ? ? ? ? WATSON-CRICK ? ? ? 
hydrog28 hydrog ? ? A DC 11 O2 ? ? ? 1_555 B DG 2  N2 ? ? A DC 11 B DG 14 1_555 ? ? ? ? ? ? WATSON-CRICK ? ? ? 
hydrog29 hydrog ? ? A DG 12 N1 ? ? ? 1_555 B DC 1  N3 ? ? A DG 12 B DC 13 1_555 ? ? ? ? ? ? WATSON-CRICK ? ? ? 
hydrog30 hydrog ? ? A DG 12 N2 ? ? ? 1_555 B DC 1  O2 ? ? A DG 12 B DC 13 1_555 ? ? ? ? ? ? WATSON-CRICK ? ? ? 
hydrog31 hydrog ? ? A DG 12 O6 ? ? ? 1_555 B DC 1  N4 ? ? A DG 12 B DC 13 1_555 ? ? ? ? ? ? WATSON-CRICK ? ? ? 
# 
_struct_conn_type.id          hydrog 
_struct_conn_type.criteria    ? 
_struct_conn_type.reference   ? 
# 
loop_
_pdbx_validate_rmsd_angle.id 
_pdbx_validate_rmsd_angle.PDB_model_num 
_pdbx_validate_rmsd_angle.auth_atom_id_1 
_pdbx_validate_rmsd_angle.auth_asym_id_1 
_pdbx_validate_rmsd_angle.auth_comp_id_1 
_pdbx_validate_rmsd_angle.auth_seq_id_1 
_pdbx_validate_rmsd_angle.PDB_ins_code_1 
_pdbx_validate_rmsd_angle.label_alt_id_1 
_pdbx_validate_rmsd_angle.auth_atom_id_2 
_pdbx_validate_rmsd_angle.auth_asym_id_2 
_pdbx_validate_rmsd_angle.auth_comp_id_2 
_pdbx_validate_rmsd_angle.auth_seq_id_2 
_pdbx_validate_rmsd_angle.PDB_ins_code_2 
_pdbx_validate_rmsd_angle.label_alt_id_2 
_pdbx_validate_rmsd_angle.auth_atom_id_3 
_pdbx_validate_rmsd_angle.auth_asym_id_3 
_pdbx_validate_rmsd_angle.auth_comp_id_3 
_pdbx_validate_rmsd_angle.auth_seq_id_3 
_pdbx_validate_rmsd_angle.PDB_ins_code_3 
_pdbx_validate_rmsd_angle.label_alt_id_3 
_pdbx_validate_rmsd_angle.angle_value 
_pdbx_validate_rmsd_angle.angle_target_value 
_pdbx_validate_rmsd_angle.angle_deviation 
_pdbx_validate_rmsd_angle.angle_standard_deviation 
_pdbx_validate_rmsd_angle.linker_flag 
1  1 "O4'" A DC 1  ? ? "C1'" A DC 1  ? ? N1    A DC 1  ? ? 113.68 108.30 5.38   0.30 N 
2  1 "O3'" A DC 1  ? ? P     A DG 2  ? ? "O5'" A DG 2  ? ? 83.40  104.00 -20.60 1.90 Y 
3  1 "O3'" A DC 1  ? ? P     A DG 2  ? ? OP1   A DG 2  ? ? 118.03 110.50 7.53   1.10 Y 
4  1 "O4'" A DG 2  ? ? "C1'" A DG 2  ? ? N9    A DG 2  ? ? 111.40 108.30 3.10   0.30 N 
5  1 "O3'" A DG 2  ? ? P     A DC 3  ? ? OP2   A DC 3  ? ? 131.12 110.50 20.62  1.10 Y 
6  1 "O3'" A DG 2  ? ? P     A DC 3  ? ? OP1   A DC 3  ? ? 88.35  105.20 -16.85 2.20 Y 
7  1 "O4'" A DC 3  ? ? "C1'" A DC 3  ? ? "C2'" A DC 3  ? ? 100.00 105.90 -5.90  0.80 N 
8  1 "O3'" A DC 3  ? ? P     A DG 4  ? ? "O5'" A DG 4  ? ? 90.41  104.00 -13.59 1.90 Y 
9  1 "O3'" A DC 3  ? ? P     A DG 4  ? ? OP2   A DG 4  ? ? 126.60 110.50 16.10  1.10 Y 
10 1 "O4'" A DG 4  ? ? "C1'" A DG 4  ? ? N9    A DG 4  ? ? 112.30 108.30 4.00   0.30 N 
11 1 P     A DT 5  ? ? "O5'" A DT 5  ? ? "C5'" A DT 5  ? ? 110.13 120.90 -10.77 1.60 N 
12 1 "O4'" A DT 5  ? ? "C1'" A DT 5  ? ? N1    A DT 5  ? ? 114.13 108.30 5.83   0.30 N 
13 1 N3    A DT 5  ? ? C2    A DT 5  ? ? O2    A DT 5  ? ? 118.45 122.30 -3.85  0.60 N 
14 1 "O3'" A DT 5  ? ? P     A DT 6  ? ? OP2   A DT 6  ? ? 122.36 110.50 11.86  1.10 Y 
15 1 "O4'" A DT 6  ? ? "C1'" A DT 6  ? ? "C2'" A DT 6  ? ? 99.66  105.90 -6.24  0.80 N 
16 1 "O4'" A DT 6  ? ? "C1'" A DT 6  ? ? N1    A DT 6  ? ? 111.49 108.30 3.19   0.30 N 
17 1 N3    A DT 6  ? ? C2    A DT 6  ? ? O2    A DT 6  ? ? 116.29 122.30 -6.01  0.60 N 
18 1 "O3'" A DT 6  ? ? P     A DA 7  ? ? "O5'" A DA 7  ? ? 85.98  104.00 -18.02 1.90 Y 
19 1 "O3'" A DT 6  ? ? P     A DA 7  ? ? OP2   A DA 7  ? ? 123.50 110.50 13.00  1.10 Y 
20 1 "O4'" A DA 7  ? ? "C1'" A DA 7  ? ? "C2'" A DA 7  ? ? 100.41 105.90 -5.49  0.80 N 
21 1 "O3'" A DA 7  ? ? P     A DA 8  ? ? OP2   A DA 8  ? ? 119.68 110.50 9.18   1.10 Y 
22 1 "O4'" A DA 8  ? ? "C1'" A DA 8  ? ? N9    A DA 8  ? ? 112.59 108.30 4.29   0.30 N 
23 1 "O4'" A DC 9  ? ? "C1'" A DC 9  ? ? "C2'" A DC 9  ? ? 100.95 105.90 -4.95  0.80 N 
24 1 "O4'" A DC 9  ? ? "C1'" A DC 9  ? ? N1    A DC 9  ? ? 111.27 108.30 2.97   0.30 N 
25 1 N1    A DC 9  ? ? C2    A DC 9  ? ? O2    A DC 9  ? ? 122.56 118.90 3.66   0.60 N 
26 1 "O3'" A DC 9  ? ? P     A DG 10 ? ? "O5'" A DG 10 ? ? 75.22  104.00 -28.78 1.90 Y 
27 1 "O3'" A DC 9  ? ? P     A DG 10 ? ? OP1   A DG 10 ? ? 122.07 110.50 11.57  1.10 Y 
28 1 "O4'" A DG 10 ? ? "C1'" A DG 10 ? ? N9    A DG 10 ? ? 116.21 108.30 7.91   0.30 N 
29 1 "O3'" A DG 10 ? ? P     A DC 11 ? ? "O5'" A DC 11 ? ? 89.42  104.00 -14.58 1.90 Y 
30 1 "O3'" A DG 10 ? ? P     A DC 11 ? ? OP1   A DC 11 ? ? 120.49 110.50 9.99   1.10 Y 
31 1 N1    A DC 11 ? ? C2    A DC 11 ? ? O2    A DC 11 ? ? 122.54 118.90 3.64   0.60 N 
32 1 "O3'" A DC 11 ? ? P     A DG 12 ? ? "O5'" A DG 12 ? ? 76.17  104.00 -27.83 1.90 Y 
33 1 "O3'" A DC 11 ? ? P     A DG 12 ? ? OP1   A DG 12 ? ? 117.99 110.50 7.49   1.10 Y 
34 1 "O4'" B DC 13 ? ? "C1'" B DC 13 ? ? N1    B DC 13 ? ? 110.47 108.30 2.17   0.30 N 
35 1 "O3'" B DC 13 ? ? P     B DG 14 ? ? OP1   B DG 14 ? ? 90.25  105.20 -14.95 2.20 Y 
36 1 "O4'" B DG 14 ? ? "C1'" B DG 14 ? ? N9    B DG 14 ? ? 112.90 108.30 4.60   0.30 N 
37 1 "O3'" B DG 14 ? ? P     B DC 15 ? ? "O5'" B DC 15 ? ? 89.19  104.00 -14.81 1.90 Y 
38 1 "O3'" B DG 14 ? ? P     B DC 15 ? ? OP2   B DC 15 ? ? 135.22 110.50 24.72  1.10 Y 
39 1 "O4'" B DC 15 ? ? "C1'" B DC 15 ? ? N1    B DC 15 ? ? 114.78 108.30 6.48   0.30 N 
40 1 "C3'" B DC 15 ? ? "O3'" B DC 15 ? ? P     B DG 16 ? ? 111.60 119.70 -8.10  1.20 Y 
41 1 "O3'" B DC 15 ? ? P     B DG 16 ? ? "O5'" B DG 16 ? ? 84.62  104.00 -19.38 1.90 Y 
42 1 "O3'" B DC 15 ? ? P     B DG 16 ? ? OP1   B DG 16 ? ? 122.22 110.50 11.72  1.10 Y 
43 1 "O4'" B DG 16 ? ? "C1'" B DG 16 ? ? "C2'" B DG 16 ? ? 100.57 105.90 -5.33  0.80 N 
44 1 "O4'" B DG 16 ? ? "C1'" B DG 16 ? ? N9    B DG 16 ? ? 115.96 108.30 7.66   0.30 N 
45 1 "O3'" B DG 16 ? ? P     B DT 17 ? ? OP2   B DT 17 ? ? 118.26 110.50 7.76   1.10 Y 
46 1 "O4'" B DT 17 ? ? "C1'" B DT 17 ? ? N1    B DT 17 ? ? 112.37 108.30 4.07   0.30 N 
47 1 "O3'" B DT 17 ? ? P     B DT 18 ? ? "O5'" B DT 18 ? ? 74.07  104.00 -29.93 1.90 Y 
48 1 "O3'" B DT 17 ? ? P     B DT 18 ? ? OP2   B DT 18 ? ? 139.67 110.50 29.17  1.10 Y 
49 1 "O4'" B DT 18 ? ? "C1'" B DT 18 ? ? N1    B DT 18 ? ? 117.17 108.30 8.87   0.30 N 
50 1 "O3'" B DT 18 ? ? P     B DA 19 ? ? "O5'" B DA 19 ? ? 118.35 104.00 14.35  1.90 Y 
51 1 "O3'" B DT 18 ? ? P     B DA 19 ? ? OP2   B DA 19 ? ? 82.82  105.20 -22.38 2.20 Y 
52 1 "O4'" B DA 20 ? ? "C1'" B DA 20 ? ? N9    B DA 20 ? ? 112.37 108.30 4.07   0.30 N 
53 1 "O4'" B DC 21 ? ? "C1'" B DC 21 ? ? "C2'" B DC 21 ? ? 96.69  105.90 -9.21  0.80 N 
54 1 "O4'" B DC 21 ? ? "C1'" B DC 21 ? ? N1    B DC 21 ? ? 110.78 108.30 2.48   0.30 N 
55 1 N1    B DC 21 ? ? C2    B DC 21 ? ? O2    B DC 21 ? ? 123.98 118.90 5.08   0.60 N 
56 1 N3    B DC 21 ? ? C2    B DC 21 ? ? O2    B DC 21 ? ? 116.61 121.90 -5.29  0.70 N 
57 1 "O3'" B DC 21 ? ? P     B DG 22 ? ? "O5'" B DG 22 ? ? 73.92  104.00 -30.08 1.90 Y 
58 1 "O3'" B DC 21 ? ? P     B DG 22 ? ? OP1   B DG 22 ? ? 139.55 110.50 29.05  1.10 Y 
59 1 "O4'" B DG 22 ? ? "C1'" B DG 22 ? ? N9    B DG 22 ? ? 119.40 108.30 11.10  0.30 N 
60 1 "O3'" B DG 22 ? ? P     B DC 23 ? ? OP2   B DC 23 ? ? 87.82  105.20 -17.38 2.20 Y 
61 1 "O3'" B DG 22 ? ? P     B DC 23 ? ? OP1   B DC 23 ? ? 125.15 110.50 14.65  1.10 Y 
62 1 "O4'" B DC 23 ? ? "C1'" B DC 23 ? ? N1    B DC 23 ? ? 112.92 108.30 4.62   0.30 N 
63 1 N1    B DC 23 ? ? C2    B DC 23 ? ? O2    B DC 23 ? ? 122.71 118.90 3.81   0.60 N 
64 1 N3    B DC 23 ? ? C2    B DC 23 ? ? O2    B DC 23 ? ? 116.65 121.90 -5.25  0.70 N 
65 1 "O3'" B DC 23 ? ? P     B DG 24 ? ? OP2   B DG 24 ? ? 120.88 110.50 10.38  1.10 Y 
66 1 "O4'" B DG 24 ? ? "C4'" B DG 24 ? ? "C3'" B DG 24 ? ? 109.85 106.00 3.85   0.60 N 
67 1 "O4'" B DG 24 ? ? "C1'" B DG 24 ? ? "C2'" B DG 24 ? ? 100.64 105.90 -5.26  0.80 N 
68 1 "O4'" B DG 24 ? ? "C1'" B DG 24 ? ? N9    B DG 24 ? ? 110.30 108.30 2.00   0.30 N 
# 
loop_
_pdbx_validate_planes.id 
_pdbx_validate_planes.PDB_model_num 
_pdbx_validate_planes.auth_comp_id 
_pdbx_validate_planes.auth_asym_id 
_pdbx_validate_planes.auth_seq_id 
_pdbx_validate_planes.PDB_ins_code 
_pdbx_validate_planes.label_alt_id 
_pdbx_validate_planes.rmsd 
_pdbx_validate_planes.type 
1 1 DC A 1  ? ? 0.078 'SIDE CHAIN' 
2 1 DT A 6  ? ? 0.076 'SIDE CHAIN' 
3 1 DC A 11 ? ? 0.080 'SIDE CHAIN' 
4 1 DC B 13 ? ? 0.092 'SIDE CHAIN' 
5 1 DA B 20 ? ? 0.055 'SIDE CHAIN' 
6 1 DC B 23 ? ? 0.080 'SIDE CHAIN' 
# 
_refine_B_iso.class            'ALL ATOMS' 
_refine_B_iso.details          ? 
_refine_B_iso.treatment        ? 
_refine_B_iso.pdbx_refine_id   'X-RAY DIFFRACTION' 
# 
_refine_occupancy.class            'ALL ATOMS' 
_refine_occupancy.treatment        ? 
_refine_occupancy.pdbx_refine_id   'X-RAY DIFFRACTION' 
# 
loop_
_chem_comp_atom.comp_id 
_chem_comp_atom.atom_id 
_chem_comp_atom.type_symbol 
_chem_comp_atom.pdbx_aromatic_flag 
_chem_comp_atom.pdbx_stereo_config 
_chem_comp_atom.pdbx_ordinal 
DA  OP3    O N N 1   
DA  P      P N N 2   
DA  OP1    O N N 3   
DA  OP2    O N N 4   
DA  "O5'"  O N N 5   
DA  "C5'"  C N N 6   
DA  "C4'"  C N R 7   
DA  "O4'"  O N N 8   
DA  "C3'"  C N S 9   
DA  "O3'"  O N N 10  
DA  "C2'"  C N N 11  
DA  "C1'"  C N R 12  
DA  N9     N Y N 13  
DA  C8     C Y N 14  
DA  N7     N Y N 15  
DA  C5     C Y N 16  
DA  C6     C Y N 17  
DA  N6     N N N 18  
DA  N1     N Y N 19  
DA  C2     C Y N 20  
DA  N3     N Y N 21  
DA  C4     C Y N 22  
DA  HOP3   H N N 23  
DA  HOP2   H N N 24  
DA  "H5'"  H N N 25  
DA  "H5''" H N N 26  
DA  "H4'"  H N N 27  
DA  "H3'"  H N N 28  
DA  "HO3'" H N N 29  
DA  "H2'"  H N N 30  
DA  "H2''" H N N 31  
DA  "H1'"  H N N 32  
DA  H8     H N N 33  
DA  H61    H N N 34  
DA  H62    H N N 35  
DA  H2     H N N 36  
DC  OP3    O N N 37  
DC  P      P N N 38  
DC  OP1    O N N 39  
DC  OP2    O N N 40  
DC  "O5'"  O N N 41  
DC  "C5'"  C N N 42  
DC  "C4'"  C N R 43  
DC  "O4'"  O N N 44  
DC  "C3'"  C N S 45  
DC  "O3'"  O N N 46  
DC  "C2'"  C N N 47  
DC  "C1'"  C N R 48  
DC  N1     N N N 49  
DC  C2     C N N 50  
DC  O2     O N N 51  
DC  N3     N N N 52  
DC  C4     C N N 53  
DC  N4     N N N 54  
DC  C5     C N N 55  
DC  C6     C N N 56  
DC  HOP3   H N N 57  
DC  HOP2   H N N 58  
DC  "H5'"  H N N 59  
DC  "H5''" H N N 60  
DC  "H4'"  H N N 61  
DC  "H3'"  H N N 62  
DC  "HO3'" H N N 63  
DC  "H2'"  H N N 64  
DC  "H2''" H N N 65  
DC  "H1'"  H N N 66  
DC  H41    H N N 67  
DC  H42    H N N 68  
DC  H5     H N N 69  
DC  H6     H N N 70  
DG  OP3    O N N 71  
DG  P      P N N 72  
DG  OP1    O N N 73  
DG  OP2    O N N 74  
DG  "O5'"  O N N 75  
DG  "C5'"  C N N 76  
DG  "C4'"  C N R 77  
DG  "O4'"  O N N 78  
DG  "C3'"  C N S 79  
DG  "O3'"  O N N 80  
DG  "C2'"  C N N 81  
DG  "C1'"  C N R 82  
DG  N9     N Y N 83  
DG  C8     C Y N 84  
DG  N7     N Y N 85  
DG  C5     C Y N 86  
DG  C6     C N N 87  
DG  O6     O N N 88  
DG  N1     N N N 89  
DG  C2     C N N 90  
DG  N2     N N N 91  
DG  N3     N N N 92  
DG  C4     C Y N 93  
DG  HOP3   H N N 94  
DG  HOP2   H N N 95  
DG  "H5'"  H N N 96  
DG  "H5''" H N N 97  
DG  "H4'"  H N N 98  
DG  "H3'"  H N N 99  
DG  "HO3'" H N N 100 
DG  "H2'"  H N N 101 
DG  "H2''" H N N 102 
DG  "H1'"  H N N 103 
DG  H8     H N N 104 
DG  H1     H N N 105 
DG  H21    H N N 106 
DG  H22    H N N 107 
DT  OP3    O N N 108 
DT  P      P N N 109 
DT  OP1    O N N 110 
DT  OP2    O N N 111 
DT  "O5'"  O N N 112 
DT  "C5'"  C N N 113 
DT  "C4'"  C N R 114 
DT  "O4'"  O N N 115 
DT  "C3'"  C N S 116 
DT  "O3'"  O N N 117 
DT  "C2'"  C N N 118 
DT  "C1'"  C N R 119 
DT  N1     N N N 120 
DT  C2     C N N 121 
DT  O2     O N N 122 
DT  N3     N N N 123 
DT  C4     C N N 124 
DT  O4     O N N 125 
DT  C5     C N N 126 
DT  C7     C N N 127 
DT  C6     C N N 128 
DT  HOP3   H N N 129 
DT  HOP2   H N N 130 
DT  "H5'"  H N N 131 
DT  "H5''" H N N 132 
DT  "H4'"  H N N 133 
DT  "H3'"  H N N 134 
DT  "HO3'" H N N 135 
DT  "H2'"  H N N 136 
DT  "H2''" H N N 137 
DT  "H1'"  H N N 138 
DT  H3     H N N 139 
DT  H71    H N N 140 
DT  H72    H N N 141 
DT  H73    H N N 142 
DT  H6     H N N 143 
HOH O      O N N 144 
HOH H1     H N N 145 
HOH H2     H N N 146 
# 
loop_
_chem_comp_bond.comp_id 
_chem_comp_bond.atom_id_1 
_chem_comp_bond.atom_id_2 
_chem_comp_bond.value_order 
_chem_comp_bond.pdbx_aromatic_flag 
_chem_comp_bond.pdbx_stereo_config 
_chem_comp_bond.pdbx_ordinal 
DA  OP3   P      sing N N 1   
DA  OP3   HOP3   sing N N 2   
DA  P     OP1    doub N N 3   
DA  P     OP2    sing N N 4   
DA  P     "O5'"  sing N N 5   
DA  OP2   HOP2   sing N N 6   
DA  "O5'" "C5'"  sing N N 7   
DA  "C5'" "C4'"  sing N N 8   
DA  "C5'" "H5'"  sing N N 9   
DA  "C5'" "H5''" sing N N 10  
DA  "C4'" "O4'"  sing N N 11  
DA  "C4'" "C3'"  sing N N 12  
DA  "C4'" "H4'"  sing N N 13  
DA  "O4'" "C1'"  sing N N 14  
DA  "C3'" "O3'"  sing N N 15  
DA  "C3'" "C2'"  sing N N 16  
DA  "C3'" "H3'"  sing N N 17  
DA  "O3'" "HO3'" sing N N 18  
DA  "C2'" "C1'"  sing N N 19  
DA  "C2'" "H2'"  sing N N 20  
DA  "C2'" "H2''" sing N N 21  
DA  "C1'" N9     sing N N 22  
DA  "C1'" "H1'"  sing N N 23  
DA  N9    C8     sing Y N 24  
DA  N9    C4     sing Y N 25  
DA  C8    N7     doub Y N 26  
DA  C8    H8     sing N N 27  
DA  N7    C5     sing Y N 28  
DA  C5    C6     sing Y N 29  
DA  C5    C4     doub Y N 30  
DA  C6    N6     sing N N 31  
DA  C6    N1     doub Y N 32  
DA  N6    H61    sing N N 33  
DA  N6    H62    sing N N 34  
DA  N1    C2     sing Y N 35  
DA  C2    N3     doub Y N 36  
DA  C2    H2     sing N N 37  
DA  N3    C4     sing Y N 38  
DC  OP3   P      sing N N 39  
DC  OP3   HOP3   sing N N 40  
DC  P     OP1    doub N N 41  
DC  P     OP2    sing N N 42  
DC  P     "O5'"  sing N N 43  
DC  OP2   HOP2   sing N N 44  
DC  "O5'" "C5'"  sing N N 45  
DC  "C5'" "C4'"  sing N N 46  
DC  "C5'" "H5'"  sing N N 47  
DC  "C5'" "H5''" sing N N 48  
DC  "C4'" "O4'"  sing N N 49  
DC  "C4'" "C3'"  sing N N 50  
DC  "C4'" "H4'"  sing N N 51  
DC  "O4'" "C1'"  sing N N 52  
DC  "C3'" "O3'"  sing N N 53  
DC  "C3'" "C2'"  sing N N 54  
DC  "C3'" "H3'"  sing N N 55  
DC  "O3'" "HO3'" sing N N 56  
DC  "C2'" "C1'"  sing N N 57  
DC  "C2'" "H2'"  sing N N 58  
DC  "C2'" "H2''" sing N N 59  
DC  "C1'" N1     sing N N 60  
DC  "C1'" "H1'"  sing N N 61  
DC  N1    C2     sing N N 62  
DC  N1    C6     sing N N 63  
DC  C2    O2     doub N N 64  
DC  C2    N3     sing N N 65  
DC  N3    C4     doub N N 66  
DC  C4    N4     sing N N 67  
DC  C4    C5     sing N N 68  
DC  N4    H41    sing N N 69  
DC  N4    H42    sing N N 70  
DC  C5    C6     doub N N 71  
DC  C5    H5     sing N N 72  
DC  C6    H6     sing N N 73  
DG  OP3   P      sing N N 74  
DG  OP3   HOP3   sing N N 75  
DG  P     OP1    doub N N 76  
DG  P     OP2    sing N N 77  
DG  P     "O5'"  sing N N 78  
DG  OP2   HOP2   sing N N 79  
DG  "O5'" "C5'"  sing N N 80  
DG  "C5'" "C4'"  sing N N 81  
DG  "C5'" "H5'"  sing N N 82  
DG  "C5'" "H5''" sing N N 83  
DG  "C4'" "O4'"  sing N N 84  
DG  "C4'" "C3'"  sing N N 85  
DG  "C4'" "H4'"  sing N N 86  
DG  "O4'" "C1'"  sing N N 87  
DG  "C3'" "O3'"  sing N N 88  
DG  "C3'" "C2'"  sing N N 89  
DG  "C3'" "H3'"  sing N N 90  
DG  "O3'" "HO3'" sing N N 91  
DG  "C2'" "C1'"  sing N N 92  
DG  "C2'" "H2'"  sing N N 93  
DG  "C2'" "H2''" sing N N 94  
DG  "C1'" N9     sing N N 95  
DG  "C1'" "H1'"  sing N N 96  
DG  N9    C8     sing Y N 97  
DG  N9    C4     sing Y N 98  
DG  C8    N7     doub Y N 99  
DG  C8    H8     sing N N 100 
DG  N7    C5     sing Y N 101 
DG  C5    C6     sing N N 102 
DG  C5    C4     doub Y N 103 
DG  C6    O6     doub N N 104 
DG  C6    N1     sing N N 105 
DG  N1    C2     sing N N 106 
DG  N1    H1     sing N N 107 
DG  C2    N2     sing N N 108 
DG  C2    N3     doub N N 109 
DG  N2    H21    sing N N 110 
DG  N2    H22    sing N N 111 
DG  N3    C4     sing N N 112 
DT  OP3   P      sing N N 113 
DT  OP3   HOP3   sing N N 114 
DT  P     OP1    doub N N 115 
DT  P     OP2    sing N N 116 
DT  P     "O5'"  sing N N 117 
DT  OP2   HOP2   sing N N 118 
DT  "O5'" "C5'"  sing N N 119 
DT  "C5'" "C4'"  sing N N 120 
DT  "C5'" "H5'"  sing N N 121 
DT  "C5'" "H5''" sing N N 122 
DT  "C4'" "O4'"  sing N N 123 
DT  "C4'" "C3'"  sing N N 124 
DT  "C4'" "H4'"  sing N N 125 
DT  "O4'" "C1'"  sing N N 126 
DT  "C3'" "O3'"  sing N N 127 
DT  "C3'" "C2'"  sing N N 128 
DT  "C3'" "H3'"  sing N N 129 
DT  "O3'" "HO3'" sing N N 130 
DT  "C2'" "C1'"  sing N N 131 
DT  "C2'" "H2'"  sing N N 132 
DT  "C2'" "H2''" sing N N 133 
DT  "C1'" N1     sing N N 134 
DT  "C1'" "H1'"  sing N N 135 
DT  N1    C2     sing N N 136 
DT  N1    C6     sing N N 137 
DT  C2    O2     doub N N 138 
DT  C2    N3     sing N N 139 
DT  N3    C4     sing N N 140 
DT  N3    H3     sing N N 141 
DT  C4    O4     doub N N 142 
DT  C4    C5     sing N N 143 
DT  C5    C7     sing N N 144 
DT  C5    C6     doub N N 145 
DT  C7    H71    sing N N 146 
DT  C7    H72    sing N N 147 
DT  C7    H73    sing N N 148 
DT  C6    H6     sing N N 149 
HOH O     H1     sing N N 150 
HOH O     H2     sing N N 151 
# 
_ndb_struct_conf_na.entry_id   194D 
_ndb_struct_conf_na.feature    'b-form double helix' 
# 
loop_
_ndb_struct_na_base_pair.model_number 
_ndb_struct_na_base_pair.i_label_asym_id 
_ndb_struct_na_base_pair.i_label_comp_id 
_ndb_struct_na_base_pair.i_label_seq_id 
_ndb_struct_na_base_pair.i_symmetry 
_ndb_struct_na_base_pair.j_label_asym_id 
_ndb_struct_na_base_pair.j_label_comp_id 
_ndb_struct_na_base_pair.j_label_seq_id 
_ndb_struct_na_base_pair.j_symmetry 
_ndb_struct_na_base_pair.shear 
_ndb_struct_na_base_pair.stretch 
_ndb_struct_na_base_pair.stagger 
_ndb_struct_na_base_pair.buckle 
_ndb_struct_na_base_pair.propeller 
_ndb_struct_na_base_pair.opening 
_ndb_struct_na_base_pair.pair_number 
_ndb_struct_na_base_pair.pair_name 
_ndb_struct_na_base_pair.i_auth_asym_id 
_ndb_struct_na_base_pair.i_auth_seq_id 
_ndb_struct_na_base_pair.i_PDB_ins_code 
_ndb_struct_na_base_pair.j_auth_asym_id 
_ndb_struct_na_base_pair.j_auth_seq_id 
_ndb_struct_na_base_pair.j_PDB_ins_code 
_ndb_struct_na_base_pair.hbond_type_28 
_ndb_struct_na_base_pair.hbond_type_12 
1 A DC 1  1_555 B DG 12 1_555 0.821  -0.366 -0.280 3.561   -14.856 -8.409 1  A_DC1:DG24_B  A 1  ? B 24 ? 19 1 
1 A DG 2  1_555 B DC 11 1_555 -0.684 -0.371 0.182  -0.109  -17.648 0.953  2  A_DG2:DC23_B  A 2  ? B 23 ? 19 1 
1 A DC 3  1_555 B DG 10 1_555 -0.488 -0.193 0.248  -8.549  -2.122  -2.785 3  A_DC3:DG22_B  A 3  ? B 22 ? 19 1 
1 A DG 4  1_555 B DC 9  1_555 -0.592 -0.572 0.589  14.211  -2.996  -3.128 4  A_DG4:DC21_B  A 4  ? B 21 ? 19 1 
1 A DT 5  1_555 B DA 8  1_555 -0.421 -0.139 0.074  5.484   -9.662  -4.560 5  A_DT5:DA20_B  A 5  ? B 20 ? 20 1 
1 A DT 6  1_555 B DA 7  1_555 0.024  0.030  0.203  1.036   -19.500 14.551 6  A_DT6:DA19_B  A 6  ? B 19 ? ?  1 
1 A DA 7  1_555 B DT 6  1_555 0.721  -0.130 -0.378 -14.856 -15.302 4.751  7  A_DA7:DT18_B  A 7  ? B 18 ? 20 1 
1 A DA 8  1_555 B DT 5  1_555 -0.035 -0.214 0.099  -9.808  -13.853 5.778  8  A_DA8:DT17_B  A 8  ? B 17 ? 20 1 
1 A DC 9  1_555 B DG 4  1_555 0.714  -0.392 0.119  -3.895  -13.184 -2.887 9  A_DC9:DG16_B  A 9  ? B 16 ? 19 1 
1 A DG 10 1_555 B DC 3  1_555 0.394  0.053  -0.238 7.760   -9.176  -7.475 10 A_DG10:DC15_B A 10 ? B 15 ? 19 1 
1 A DC 11 1_555 B DG 2  1_555 0.326  -0.469 0.140  8.239   -21.950 -6.016 11 A_DC11:DG14_B A 11 ? B 14 ? 19 1 
1 A DG 12 1_555 B DC 1  1_555 -0.399 -0.590 -0.606 -7.770  4.272   -7.441 12 A_DG12:DC13_B A 12 ? B 13 ? 19 1 
# 
loop_
_ndb_struct_na_base_pair_step.model_number 
_ndb_struct_na_base_pair_step.i_label_asym_id_1 
_ndb_struct_na_base_pair_step.i_label_comp_id_1 
_ndb_struct_na_base_pair_step.i_label_seq_id_1 
_ndb_struct_na_base_pair_step.i_symmetry_1 
_ndb_struct_na_base_pair_step.j_label_asym_id_1 
_ndb_struct_na_base_pair_step.j_label_comp_id_1 
_ndb_struct_na_base_pair_step.j_label_seq_id_1 
_ndb_struct_na_base_pair_step.j_symmetry_1 
_ndb_struct_na_base_pair_step.i_label_asym_id_2 
_ndb_struct_na_base_pair_step.i_label_comp_id_2 
_ndb_struct_na_base_pair_step.i_label_seq_id_2 
_ndb_struct_na_base_pair_step.i_symmetry_2 
_ndb_struct_na_base_pair_step.j_label_asym_id_2 
_ndb_struct_na_base_pair_step.j_label_comp_id_2 
_ndb_struct_na_base_pair_step.j_label_seq_id_2 
_ndb_struct_na_base_pair_step.j_symmetry_2 
_ndb_struct_na_base_pair_step.shift 
_ndb_struct_na_base_pair_step.slide 
_ndb_struct_na_base_pair_step.rise 
_ndb_struct_na_base_pair_step.tilt 
_ndb_struct_na_base_pair_step.roll 
_ndb_struct_na_base_pair_step.twist 
_ndb_struct_na_base_pair_step.x_displacement 
_ndb_struct_na_base_pair_step.y_displacement 
_ndb_struct_na_base_pair_step.helical_rise 
_ndb_struct_na_base_pair_step.inclination 
_ndb_struct_na_base_pair_step.tip 
_ndb_struct_na_base_pair_step.helical_twist 
_ndb_struct_na_base_pair_step.step_number 
_ndb_struct_na_base_pair_step.step_name 
_ndb_struct_na_base_pair_step.i_auth_asym_id_1 
_ndb_struct_na_base_pair_step.i_auth_seq_id_1 
_ndb_struct_na_base_pair_step.i_PDB_ins_code_1 
_ndb_struct_na_base_pair_step.j_auth_asym_id_1 
_ndb_struct_na_base_pair_step.j_auth_seq_id_1 
_ndb_struct_na_base_pair_step.j_PDB_ins_code_1 
_ndb_struct_na_base_pair_step.i_auth_asym_id_2 
_ndb_struct_na_base_pair_step.i_auth_seq_id_2 
_ndb_struct_na_base_pair_step.i_PDB_ins_code_2 
_ndb_struct_na_base_pair_step.j_auth_asym_id_2 
_ndb_struct_na_base_pair_step.j_auth_seq_id_2 
_ndb_struct_na_base_pair_step.j_PDB_ins_code_2 
1 A DC 1  1_555 B DG 12 1_555 A DG 2  1_555 B DC 11 1_555 0.029  -0.068 3.625 -3.401 8.993  32.025 -1.767 -0.675 3.459 15.859  
5.997   33.401 1  AA_DC1DG2:DC23DG24_BB   A 1  ? B 24 ? A 2  ? B 23 ? 
1 A DG 2  1_555 B DC 11 1_555 A DC 3  1_555 B DG 10 1_555 0.665  0.444  3.589 0.138  -4.353 37.943 1.277  -0.998 3.521 -6.668  
-0.211  38.183 2  AA_DG2DC3:DG22DC23_BB   A 2  ? B 23 ? A 3  ? B 22 ? 
1 A DC 3  1_555 B DG 10 1_555 A DG 4  1_555 B DC 9  1_555 -0.258 0.585  2.868 -1.619 5.773  30.651 0.105  0.204  2.936 10.791  
3.027   31.218 3  AA_DC3DG4:DC21DG22_BB   A 3  ? B 22 ? A 4  ? B 21 ? 
1 A DG 4  1_555 B DC 9  1_555 A DT 5  1_555 B DA 8  1_555 0.129  -0.532 3.665 2.682  3.592  29.308 -1.883 0.376  3.573 7.047   
-5.261  29.641 4  AA_DG4DT5:DA20DC21_BB   A 4  ? B 21 ? A 5  ? B 20 ? 
1 A DT 5  1_555 B DA 8  1_555 A DT 6  1_555 B DA 7  1_555 0.778  -0.148 3.320 4.885  0.905  40.433 -0.316 -0.562 3.384 1.304   
-7.035  40.725 5  AA_DT5DT6:DA19DA20_BB   A 5  ? B 20 ? A 6  ? B 19 ? 
1 A DT 6  1_555 B DA 7  1_555 A DA 7  1_555 B DT 6  1_555 0.358  0.624  3.591 7.369  3.065  46.236 0.502  0.229  3.636 3.870   
-9.303  46.883 6  AA_DT6DA7:DT18DA19_BB   A 6  ? B 19 ? A 7  ? B 18 ? 
1 A DA 7  1_555 B DT 6  1_555 A DA 8  1_555 B DT 5  1_555 -0.029 -0.301 3.139 -3.106 7.039  25.472 -2.409 -0.711 2.934 15.519  
6.848   26.590 7  AA_DA7DA8:DT17DT18_BB   A 7  ? B 18 ? A 8  ? B 17 ? 
1 A DA 8  1_555 B DT 5  1_555 A DC 9  1_555 B DG 4  1_555 -0.407 0.075  3.234 -2.435 -0.162 39.861 0.129  0.319  3.252 -0.237  
3.567   39.933 8  AA_DA8DC9:DG16DT17_BB   A 8  ? B 17 ? A 9  ? B 16 ? 
1 A DC 9  1_555 B DG 4  1_555 A DG 10 1_555 B DC 3  1_555 -0.294 1.275  3.256 1.696  0.932  29.386 2.310  0.939  3.272 1.835   
-3.340  29.448 9  AA_DC9DG10:DC15DG16_BB  A 9  ? B 16 ? A 10 ? B 15 ? 
1 A DG 10 1_555 B DC 3  1_555 A DC 11 1_555 B DG 2  1_555 -0.410 0.704  3.372 -4.078 -8.267 40.650 1.880  0.139  3.200 -11.719 
5.780   41.639 10 AA_DG10DC11:DG14DC15_BB A 10 ? B 15 ? A 11 ? B 14 ? 
1 A DC 11 1_555 B DG 2  1_555 A DG 12 1_555 B DC 1  1_555 0.597  0.775  3.932 9.517  -1.517 36.734 1.429  0.568  3.926 -2.358  
-14.790 37.935 11 AA_DC11DG12:DC13DG14_BB A 11 ? B 14 ? A 12 ? B 13 ? 
# 
_atom_sites.entry_id                    194D 
_atom_sites.fract_transf_matrix[1][1]   0.03441348 
_atom_sites.fract_transf_matrix[1][2]   0.01795438 
_atom_sites.fract_transf_matrix[1][3]   -0.00272378 
_atom_sites.fract_transf_matrix[2][1]   -0.00901132 
_atom_sites.fract_transf_matrix[2][2]   0.01919180 
_atom_sites.fract_transf_matrix[2][3]   0.01265371 
_atom_sites.fract_transf_matrix[3][1]   0.00434139 
_atom_sites.fract_transf_matrix[3][2]   -0.00638342 
_atom_sites.fract_transf_matrix[3][3]   0.01277341 
_atom_sites.fract_transf_vector[1]      0.587432 
_atom_sites.fract_transf_vector[2]      0.511575 
_atom_sites.fract_transf_vector[3]      0.140435 
# 
loop_
_atom_type.symbol 
C 
N 
O 
P 
# 
loop_
_atom_site.group_PDB 
_atom_site.id 
_atom_site.type_symbol 
_atom_site.label_atom_id 
_atom_site.label_alt_id 
_atom_site.label_comp_id 
_atom_site.label_asym_id 
_atom_site.label_entity_id 
_atom_site.label_seq_id 
_atom_site.pdbx_PDB_ins_code 
_atom_site.Cartn_x 
_atom_site.Cartn_y 
_atom_site.Cartn_z 
_atom_site.occupancy 
_atom_site.B_iso_or_equiv 
_atom_site.pdbx_formal_charge 
_atom_site.auth_seq_id 
_atom_site.auth_comp_id 
_atom_site.auth_asym_id 
_atom_site.auth_atom_id 
_atom_site.pdbx_PDB_model_num 
ATOM   1   O "O5'" . DC  A 1 1  ? 3.991   7.346   18.863  1.00 36.99  ? 1  DC  A "O5'" 1 
ATOM   2   C "C5'" . DC  A 1 1  ? 3.870   5.971   19.229  1.00 40.95  ? 1  DC  A "C5'" 1 
ATOM   3   C "C4'" . DC  A 1 1  ? 4.996   5.125   18.623  1.00 41.87  ? 1  DC  A "C4'" 1 
ATOM   4   O "O4'" . DC  A 1 1  ? 4.629   3.736   18.806  1.00 34.83  ? 1  DC  A "O4'" 1 
ATOM   5   C "C3'" . DC  A 1 1  ? 5.125   5.378   17.083  1.00 43.85  ? 1  DC  A "C3'" 1 
ATOM   6   O "O3'" . DC  A 1 1  ? 6.512   5.511   16.693  1.00 46.18  ? 1  DC  A "O3'" 1 
ATOM   7   C "C2'" . DC  A 1 1  ? 4.457   4.125   16.520  1.00 39.36  ? 1  DC  A "C2'" 1 
ATOM   8   C "C1'" . DC  A 1 1  ? 4.833   3.077   17.545  1.00 34.28  ? 1  DC  A "C1'" 1 
ATOM   9   N N1    . DC  A 1 1  ? 4.134   1.769   17.434  1.00 36.02  ? 1  DC  A N1    1 
ATOM   10  C C2    . DC  A 1 1  ? 4.890   0.575   17.456  1.00 32.50  ? 1  DC  A C2    1 
ATOM   11  O O2    . DC  A 1 1  ? 6.102   0.554   17.227  1.00 35.71  ? 1  DC  A O2    1 
ATOM   12  N N3    . DC  A 1 1  ? 4.223   -0.602  17.559  1.00 24.27  ? 1  DC  A N3    1 
ATOM   13  C C4    . DC  A 1 1  ? 2.882   -0.614  17.591  1.00 26.80  ? 1  DC  A C4    1 
ATOM   14  N N4    . DC  A 1 1  ? 2.234   -1.780  17.614  1.00 30.02  ? 1  DC  A N4    1 
ATOM   15  C C5    . DC  A 1 1  ? 2.111   0.585   17.533  1.00 23.43  ? 1  DC  A C5    1 
ATOM   16  C C6    . DC  A 1 1  ? 2.779   1.744   17.458  1.00 26.37  ? 1  DC  A C6    1 
ATOM   17  P P     . DG  A 1 2  ? 6.985   6.120   15.256  1.00 54.34  ? 2  DG  A P     1 
ATOM   18  O OP1   . DG  A 1 2  ? 8.257   6.899   15.209  1.00 49.28  ? 2  DG  A OP1   1 
ATOM   19  O OP2   . DG  A 1 2  ? 5.848   6.509   14.375  1.00 51.73  ? 2  DG  A OP2   1 
ATOM   20  O "O5'" . DG  A 1 2  ? 7.368   4.590   14.943  1.00 49.72  ? 2  DG  A "O5'" 1 
ATOM   21  C "C5'" . DG  A 1 2  ? 8.716   4.166   15.221  1.00 46.56  ? 2  DG  A "C5'" 1 
ATOM   22  C "C4'" . DG  A 1 2  ? 9.301   3.251   14.161  1.00 42.02  ? 2  DG  A "C4'" 1 
ATOM   23  O "O4'" . DG  A 1 2  ? 8.715   1.926   14.177  1.00 40.64  ? 2  DG  A "O4'" 1 
ATOM   24  C "C3'" . DG  A 1 2  ? 9.088   3.831   12.771  1.00 40.73  ? 2  DG  A "C3'" 1 
ATOM   25  O "O3'" . DG  A 1 2  ? 10.212  3.582   11.924  1.00 43.00  ? 2  DG  A "O3'" 1 
ATOM   26  C "C2'" . DG  A 1 2  ? 7.871   3.064   12.334  1.00 35.30  ? 2  DG  A "C2'" 1 
ATOM   27  C "C1'" . DG  A 1 2  ? 8.036   1.677   12.954  1.00 32.02  ? 2  DG  A "C1'" 1 
ATOM   28  N N9    . DG  A 1 2  ? 6.724   1.061   13.185  1.00 28.29  ? 2  DG  A N9    1 
ATOM   29  C C8    . DG  A 1 2  ? 5.546   1.724   13.377  1.00 29.66  ? 2  DG  A C8    1 
ATOM   30  N N7    . DG  A 1 2  ? 4.524   0.944   13.554  1.00 34.38  ? 2  DG  A N7    1 
ATOM   31  C C5    . DG  A 1 2  ? 5.051   -0.333  13.484  1.00 24.64  ? 2  DG  A C5    1 
ATOM   32  C C6    . DG  A 1 2  ? 4.401   -1.552  13.696  1.00 24.00  ? 2  DG  A C6    1 
ATOM   33  O O6    . DG  A 1 2  ? 3.199   -1.702  13.919  1.00 24.25  ? 2  DG  A O6    1 
ATOM   34  N N1    . DG  A 1 2  ? 5.277   -2.624  13.642  1.00 22.50  ? 2  DG  A N1    1 
ATOM   35  C C2    . DG  A 1 2  ? 6.636   -2.518  13.403  1.00 24.86  ? 2  DG  A C2    1 
ATOM   36  N N2    . DG  A 1 2  ? 7.373   -3.650  13.416  1.00 19.72  ? 2  DG  A N2    1 
ATOM   37  N N3    . DG  A 1 2  ? 7.250   -1.338  13.193  1.00 18.52  ? 2  DG  A N3    1 
ATOM   38  C C4    . DG  A 1 2  ? 6.401   -0.289  13.252  1.00 25.73  ? 2  DG  A C4    1 
ATOM   39  P P     . DC  A 1 3  ? 10.161  3.926   10.354  1.00 38.79  ? 3  DC  A P     1 
ATOM   40  O OP1   . DC  A 1 3  ? 11.643  4.080   10.384  1.00 32.98  ? 3  DC  A OP1   1 
ATOM   41  O OP2   . DC  A 1 3  ? 9.311   4.869   9.589   1.00 31.99  ? 3  DC  A OP2   1 
ATOM   42  O "O5'" . DC  A 1 3  ? 9.806   2.410   9.927   1.00 36.82  ? 3  DC  A "O5'" 1 
ATOM   43  C "C5'" . DC  A 1 3  ? 10.849  1.451   10.204  1.00 40.08  ? 3  DC  A "C5'" 1 
ATOM   44  C "C4'" . DC  A 1 3  ? 10.635  0.092   9.621   1.00 34.24  ? 3  DC  A "C4'" 1 
ATOM   45  O "O4'" . DC  A 1 3  ? 9.388   -0.337  10.186  1.00 36.38  ? 3  DC  A "O4'" 1 
ATOM   46  C "C3'" . DC  A 1 3  ? 10.453  0.187   8.148   1.00 35.21  ? 3  DC  A "C3'" 1 
ATOM   47  O "O3'" . DC  A 1 3  ? 11.209  -0.769  7.424   1.00 38.52  ? 3  DC  A "O3'" 1 
ATOM   48  C "C2'" . DC  A 1 3  ? 8.970   -0.078  8.005   1.00 32.55  ? 3  DC  A "C2'" 1 
ATOM   49  C "C1'" . DC  A 1 3  ? 8.532   -0.879  9.202   1.00 24.68  ? 3  DC  A "C1'" 1 
ATOM   50  N N1    . DC  A 1 3  ? 7.154   -0.536  9.591   1.00 18.62  ? 3  DC  A N1    1 
ATOM   51  C C2    . DC  A 1 3  ? 6.253   -1.568  9.802   1.00 20.55  ? 3  DC  A C2    1 
ATOM   52  O O2    . DC  A 1 3  ? 6.601   -2.737  9.842   1.00 19.74  ? 3  DC  A O2    1 
ATOM   53  N N3    . DC  A 1 3  ? 4.934   -1.281  10.039  1.00 23.04  ? 3  DC  A N3    1 
ATOM   54  C C4    . DC  A 1 3  ? 4.519   0.000   10.071  1.00 28.37  ? 3  DC  A C4    1 
ATOM   55  N N4    . DC  A 1 3  ? 3.208   0.236   10.245  1.00 30.06  ? 3  DC  A N4    1 
ATOM   56  C C5    . DC  A 1 3  ? 5.447   1.098   9.877   1.00 21.68  ? 3  DC  A C5    1 
ATOM   57  C C6    . DC  A 1 3  ? 6.740   0.774   9.643   1.00 17.62  ? 3  DC  A C6    1 
ATOM   58  P P     . DG  A 1 4  ? 11.339  -0.462  5.830   1.00 47.14  ? 4  DG  A P     1 
ATOM   59  O OP1   . DG  A 1 4  ? 12.786  -0.724  5.726   1.00 50.51  ? 4  DG  A OP1   1 
ATOM   60  O OP2   . DG  A 1 4  ? 10.727  0.672   5.096   1.00 39.24  ? 4  DG  A OP2   1 
ATOM   61  O "O5'" . DG  A 1 4  ? 10.548  -1.838  5.489   1.00 48.00  ? 4  DG  A "O5'" 1 
ATOM   62  C "C5'" . DG  A 1 4  ? 11.102  -3.103  5.910   1.00 43.33  ? 4  DG  A "C5'" 1 
ATOM   63  C "C4'" . DG  A 1 4  ? 10.174  -4.291  5.618   1.00 46.92  ? 4  DG  A "C4'" 1 
ATOM   64  O "O4'" . DG  A 1 4  ? 8.879   -4.193  6.262   1.00 49.97  ? 4  DG  A "O4'" 1 
ATOM   65  C "C3'" . DG  A 1 4  ? 9.896   -4.405  4.124   1.00 47.20  ? 4  DG  A "C3'" 1 
ATOM   66  O "O3'" . DG  A 1 4  ? 9.778   -5.754  3.682   1.00 49.69  ? 4  DG  A "O3'" 1 
ATOM   67  C "C2'" . DG  A 1 4  ? 8.559   -3.752  4.001   1.00 45.53  ? 4  DG  A "C2'" 1 
ATOM   68  C "C1'" . DG  A 1 4  ? 7.809   -4.124  5.276   1.00 43.70  ? 4  DG  A "C1'" 1 
ATOM   69  N N9    . DG  A 1 4  ? 6.798   -3.081  5.609   1.00 35.25  ? 4  DG  A N9    1 
ATOM   70  C C8    . DG  A 1 4  ? 6.920   -1.720  5.515   1.00 26.76  ? 4  DG  A C8    1 
ATOM   71  N N7    . DG  A 1 4  ? 5.903   -1.064  5.977   1.00 22.92  ? 4  DG  A N7    1 
ATOM   72  C C5    . DG  A 1 4  ? 5.049   -2.049  6.408   1.00 16.68  ? 4  DG  A C5    1 
ATOM   73  C C6    . DG  A 1 4  ? 3.737   -1.916  6.886   1.00 20.33  ? 4  DG  A C6    1 
ATOM   74  O O6    . DG  A 1 4  ? 3.125   -0.874  7.107   1.00 25.35  ? 4  DG  A O6    1 
ATOM   75  N N1    . DG  A 1 4  ? 3.151   -3.137  7.074   1.00 16.99  ? 4  DG  A N1    1 
ATOM   76  C C2    . DG  A 1 4  ? 3.765   -4.350  6.824   1.00 24.05  ? 4  DG  A C2    1 
ATOM   77  N N2    . DG  A 1 4  ? 3.030   -5.447  7.039   1.00 28.36  ? 4  DG  A N2    1 
ATOM   78  N N3    . DG  A 1 4  ? 5.017   -4.472  6.371   1.00 18.40  ? 4  DG  A N3    1 
ATOM   79  C C4    . DG  A 1 4  ? 5.581   -3.281  6.187   1.00 20.61  ? 4  DG  A C4    1 
ATOM   80  P P     . DT  A 1 5  ? 10.123  -6.190  2.172   1.00 50.88  ? 5  DT  A P     1 
ATOM   81  O OP1   . DT  A 1 5  ? 11.013  -7.371  2.210   1.00 53.26  ? 5  DT  A OP1   1 
ATOM   82  O OP2   . DT  A 1 5  ? 10.609  -4.907  1.588   1.00 54.10  ? 5  DT  A OP2   1 
ATOM   83  O "O5'" . DT  A 1 5  ? 8.727   -6.614  1.536   1.00 47.03  ? 5  DT  A "O5'" 1 
ATOM   84  C "C5'" . DT  A 1 5  ? 8.168   -7.688  2.263   1.00 48.10  ? 5  DT  A "C5'" 1 
ATOM   85  C "C4'" . DT  A 1 5  ? 6.670   -7.650  2.445   1.00 51.01  ? 5  DT  A "C4'" 1 
ATOM   86  O "O4'" . DT  A 1 5  ? 6.262   -6.408  3.063   1.00 50.15  ? 5  DT  A "O4'" 1 
ATOM   87  C "C3'" . DT  A 1 5  ? 5.956   -7.803  1.117   1.00 49.60  ? 5  DT  A "C3'" 1 
ATOM   88  O "O3'" . DT  A 1 5  ? 5.049   -8.901  1.270   1.00 52.49  ? 5  DT  A "O3'" 1 
ATOM   89  C "C2'" . DT  A 1 5  ? 5.211   -6.470  1.040   1.00 48.01  ? 5  DT  A "C2'" 1 
ATOM   90  C "C1'" . DT  A 1 5  ? 5.016   -6.025  2.479   1.00 40.33  ? 5  DT  A "C1'" 1 
ATOM   91  N N1    . DT  A 1 5  ? 4.653   -4.603  2.704   1.00 32.60  ? 5  DT  A N1    1 
ATOM   92  C C2    . DT  A 1 5  ? 3.397   -4.317  3.219   1.00 34.03  ? 5  DT  A C2    1 
ATOM   93  O O2    . DT  A 1 5  ? 2.521   -5.158  3.429   1.00 37.07  ? 5  DT  A O2    1 
ATOM   94  N N3    . DT  A 1 5  ? 3.089   -2.975  3.422   1.00 33.30  ? 5  DT  A N3    1 
ATOM   95  C C4    . DT  A 1 5  ? 3.912   -1.910  3.146   1.00 26.04  ? 5  DT  A C4    1 
ATOM   96  O O4    . DT  A 1 5  ? 3.528   -0.778  3.411   1.00 23.78  ? 5  DT  A O4    1 
ATOM   97  C C5    . DT  A 1 5  ? 5.197   -2.295  2.598   1.00 22.77  ? 5  DT  A C5    1 
ATOM   98  C C7    . DT  A 1 5  ? 6.173   -1.209  2.165   1.00 13.01  ? 5  DT  A C7    1 
ATOM   99  C C6    . DT  A 1 5  ? 5.518   -3.594  2.409   1.00 25.28  ? 5  DT  A C6    1 
ATOM   100 P P     . DT  A 1 6  ? 4.522   -9.702  -0.038  1.00 52.06  ? 6  DT  A P     1 
ATOM   101 O OP1   . DT  A 1 6  ? 4.467   -11.044 0.610   1.00 52.19  ? 6  DT  A OP1   1 
ATOM   102 O OP2   . DT  A 1 6  ? 5.164   -9.562  -1.365  1.00 46.94  ? 6  DT  A OP2   1 
ATOM   103 O "O5'" . DT  A 1 6  ? 2.994   -9.124  -0.096  1.00 49.93  ? 6  DT  A "O5'" 1 
ATOM   104 C "C5'" . DT  A 1 6  ? 2.054   -9.664  0.853   1.00 39.38  ? 6  DT  A "C5'" 1 
ATOM   105 C "C4'" . DT  A 1 6  ? 0.797   -8.854  1.073   1.00 37.14  ? 6  DT  A "C4'" 1 
ATOM   106 O "O4'" . DT  A 1 6  ? 1.108   -7.462  1.388   1.00 33.28  ? 6  DT  A "O4'" 1 
ATOM   107 C "C3'" . DT  A 1 6  ? -0.075  -8.872  -0.161  1.00 36.73  ? 6  DT  A "C3'" 1 
ATOM   108 O "O3'" . DT  A 1 6  ? -1.413  -9.231  0.171   1.00 34.78  ? 6  DT  A "O3'" 1 
ATOM   109 C "C2'" . DT  A 1 6  ? -0.065  -7.398  -0.558  1.00 37.10  ? 6  DT  A "C2'" 1 
ATOM   110 C "C1'" . DT  A 1 6  ? 0.186   -6.580  0.709   1.00 26.46  ? 6  DT  A "C1'" 1 
ATOM   111 N N1    . DT  A 1 6  ? 0.831   -5.283  0.356   1.00 23.79  ? 6  DT  A N1    1 
ATOM   112 C C2    . DT  A 1 6  ? 0.288   -4.058  0.775   1.00 20.10  ? 6  DT  A C2    1 
ATOM   113 O O2    . DT  A 1 6  ? -0.846  -3.887  1.188   1.00 18.52  ? 6  DT  A O2    1 
ATOM   114 N N3    . DT  A 1 6  ? 1.022   -2.917  0.514   1.00 10.66  ? 6  DT  A N3    1 
ATOM   115 C C4    . DT  A 1 6  ? 2.202   -2.878  -0.145  1.00 16.03  ? 6  DT  A C4    1 
ATOM   116 O O4    . DT  A 1 6  ? 2.775   -1.817  -0.272  1.00 21.48  ? 6  DT  A O4    1 
ATOM   117 C C5    . DT  A 1 6  ? 2.686   -4.161  -0.600  1.00 27.12  ? 6  DT  A C5    1 
ATOM   118 C C7    . DT  A 1 6  ? 3.931   -4.219  -1.478  1.00 18.60  ? 6  DT  A C7    1 
ATOM   119 C C6    . DT  A 1 6  ? 2.011   -5.300  -0.331  1.00 28.42  ? 6  DT  A C6    1 
ATOM   120 P P     . DA  A 1 7  ? -2.379  -9.641  -1.025  1.00 45.94  ? 7  DA  A P     1 
ATOM   121 O OP1   . DA  A 1 7  ? -3.249  -10.646 -0.356  1.00 39.48  ? 7  DA  A OP1   1 
ATOM   122 O OP2   . DA  A 1 7  ? -1.914  -9.844  -2.422  1.00 42.26  ? 7  DA  A OP2   1 
ATOM   123 O "O5'" . DA  A 1 7  ? -2.977  -8.151  -0.902  1.00 36.63  ? 7  DA  A "O5'" 1 
ATOM   124 C "C5'" . DA  A 1 7  ? -3.914  -7.895  0.148   1.00 28.87  ? 7  DA  A "C5'" 1 
ATOM   125 C "C4'" . DA  A 1 7  ? -4.511  -6.519  0.075   1.00 21.82  ? 7  DA  A "C4'" 1 
ATOM   126 O "O4'" . DA  A 1 7  ? -3.441  -5.594  -0.165  1.00 17.25  ? 7  DA  A "O4'" 1 
ATOM   127 C "C3'" . DA  A 1 7  ? -5.446  -6.439  -1.079  1.00 26.26  ? 7  DA  A "C3'" 1 
ATOM   128 O "O3'" . DA  A 1 7  ? -6.682  -5.777  -0.740  1.00 25.37  ? 7  DA  A "O3'" 1 
ATOM   129 C "C2'" . DA  A 1 7  ? -4.606  -5.637  -2.068  1.00 25.03  ? 7  DA  A "C2'" 1 
ATOM   130 C "C1'" . DA  A 1 7  ? -3.773  -4.725  -1.218  1.00 19.74  ? 7  DA  A "C1'" 1 
ATOM   131 N N9    . DA  A 1 7  ? -2.547  -4.267  -1.891  1.00 28.84  ? 7  DA  A N9    1 
ATOM   132 C C8    . DA  A 1 7  ? -1.617  -5.008  -2.574  1.00 27.13  ? 7  DA  A C8    1 
ATOM   133 N N7    . DA  A 1 7  ? -0.587  -4.308  -2.981  1.00 27.80  ? 7  DA  A N7    1 
ATOM   134 C C5    . DA  A 1 7  ? -0.849  -3.014  -2.553  1.00 24.41  ? 7  DA  A C5    1 
ATOM   135 C C6    . DA  A 1 7  ? -0.087  -1.844  -2.604  1.00 25.10  ? 7  DA  A C6    1 
ATOM   136 N N6    . DA  A 1 7  ? 1.122   -1.807  -3.150  1.00 32.13  ? 7  DA  A N6    1 
ATOM   137 N N1    . DA  A 1 7  ? -0.580  -0.752  -2.028  1.00 22.90  ? 7  DA  A N1    1 
ATOM   138 C C2    . DA  A 1 7  ? -1.764  -0.854  -1.434  1.00 32.31  ? 7  DA  A C2    1 
ATOM   139 N N3    . DA  A 1 7  ? -2.589  -1.883  -1.287  1.00 30.89  ? 7  DA  A N3    1 
ATOM   140 C C4    . DA  A 1 7  ? -2.047  -2.967  -1.891  1.00 29.53  ? 7  DA  A C4    1 
ATOM   141 P P     . DA  A 1 8  ? -7.975  -6.153  -1.620  1.00 32.62  ? 8  DA  A P     1 
ATOM   142 O OP1   . DA  A 1 8  ? -8.916  -6.785  -0.677  1.00 40.34  ? 8  DA  A OP1   1 
ATOM   143 O OP2   . DA  A 1 8  ? -7.799  -6.784  -2.955  1.00 32.40  ? 8  DA  A OP2   1 
ATOM   144 O "O5'" . DA  A 1 8  ? -8.454  -4.640  -1.795  1.00 37.81  ? 8  DA  A "O5'" 1 
ATOM   145 C "C5'" . DA  A 1 8  ? -7.434  -3.760  -2.227  1.00 30.71  ? 8  DA  A "C5'" 1 
ATOM   146 C "C4'" . DA  A 1 8  ? -7.689  -2.329  -2.046  1.00 19.78  ? 8  DA  A "C4'" 1 
ATOM   147 O "O4'" . DA  A 1 8  ? -6.358  -1.846  -2.296  1.00 19.87  ? 8  DA  A "O4'" 1 
ATOM   148 C "C3'" . DA  A 1 8  ? -8.538  -1.966  -3.209  1.00 23.14  ? 8  DA  A "C3'" 1 
ATOM   149 O "O3'" . DA  A 1 8  ? -9.530  -1.007  -2.842  1.00 26.23  ? 8  DA  A "O3'" 1 
ATOM   150 C "C2'" . DA  A 1 8  ? -7.492  -1.605  -4.273  1.00 26.70  ? 8  DA  A "C2'" 1 
ATOM   151 C "C1'" . DA  A 1 8  ? -6.239  -1.150  -3.538  1.00 20.77  ? 8  DA  A "C1'" 1 
ATOM   152 N N9    . DA  A 1 8  ? -4.919  -1.384  -4.203  1.00 15.27  ? 8  DA  A N9    1 
ATOM   153 C C8    . DA  A 1 8  ? -4.400  -2.551  -4.683  1.00 22.53  ? 8  DA  A C8    1 
ATOM   154 N N7    . DA  A 1 8  ? -3.183  -2.446  -5.193  1.00 24.04  ? 8  DA  A N7    1 
ATOM   155 C C5    . DA  A 1 8  ? -2.871  -1.112  -5.037  1.00 14.66  ? 8  DA  A C5    1 
ATOM   156 C C6    . DA  A 1 8  ? -1.704  -0.387  -5.311  1.00 25.06  ? 8  DA  A C6    1 
ATOM   157 N N6    . DA  A 1 8  ? -0.640  -0.958  -5.877  1.00 26.66  ? 8  DA  A N6    1 
ATOM   158 N N1    . DA  A 1 8  ? -1.672  0.926   -4.964  1.00 19.61  ? 8  DA  A N1    1 
ATOM   159 C C2    . DA  A 1 8  ? -2.751  1.445   -4.396  1.00 5.56   ? 8  DA  A C2    1 
ATOM   160 N N3    . DA  A 1 8  ? -3.906  0.865   -4.099  1.00 11.90  ? 8  DA  A N3    1 
ATOM   161 C C4    . DA  A 1 8  ? -3.910  -0.443  -4.442  1.00 15.25  ? 8  DA  A C4    1 
ATOM   162 P P     . DC  A 1 9  ? -10.528 -0.315  -3.879  1.00 34.05  ? 9  DC  A P     1 
ATOM   163 O OP1   . DC  A 1 9  ? -11.763 0.038   -3.146  1.00 39.03  ? 9  DC  A OP1   1 
ATOM   164 O OP2   . DC  A 1 9  ? -10.639 -1.139  -5.112  1.00 42.79  ? 9  DC  A OP2   1 
ATOM   165 O "O5'" . DC  A 1 9  ? -9.790  1.004   -4.345  1.00 36.96  ? 9  DC  A "O5'" 1 
ATOM   166 C "C5'" . DC  A 1 9  ? -9.374  1.997   -3.437  1.00 34.96  ? 9  DC  A "C5'" 1 
ATOM   167 C "C4'" . DC  A 1 9  ? -8.494  3.025   -4.116  1.00 43.22  ? 9  DC  A "C4'" 1 
ATOM   168 O "O4'" . DC  A 1 9  ? -7.247  2.460   -4.613  1.00 44.02  ? 9  DC  A "O4'" 1 
ATOM   169 C "C3'" . DC  A 1 9  ? -9.203  3.599   -5.329  1.00 44.96  ? 9  DC  A "C3'" 1 
ATOM   170 O "O3'" . DC  A 1 9  ? -9.033  5.013   -5.376  1.00 53.79  ? 9  DC  A "O3'" 1 
ATOM   171 C "C2'" . DC  A 1 9  ? -8.425  3.010   -6.476  1.00 40.07  ? 9  DC  A "C2'" 1 
ATOM   172 C "C1'" . DC  A 1 9  ? -7.016  2.908   -5.965  1.00 34.55  ? 9  DC  A "C1'" 1 
ATOM   173 N N1    . DC  A 1 9  ? -6.174  1.945   -6.713  1.00 30.15  ? 9  DC  A N1    1 
ATOM   174 C C2    . DC  A 1 9  ? -4.890  2.320   -7.049  1.00 31.43  ? 9  DC  A C2    1 
ATOM   175 O O2    . DC  A 1 9  ? -4.479  3.469   -6.909  1.00 32.51  ? 9  DC  A O2    1 
ATOM   176 N N3    . DC  A 1 9  ? -4.073  1.398   -7.620  1.00 33.92  ? 9  DC  A N3    1 
ATOM   177 C C4    . DC  A 1 9  ? -4.497  0.160   -7.868  1.00 32.91  ? 9  DC  A C4    1 
ATOM   178 N N4    . DC  A 1 9  ? -3.642  -0.716  -8.391  1.00 40.36  ? 9  DC  A N4    1 
ATOM   179 C C5    . DC  A 1 9  ? -5.826  -0.241  -7.551  1.00 29.57  ? 9  DC  A C5    1 
ATOM   180 C C6    . DC  A 1 9  ? -6.620  0.685   -6.979  1.00 29.30  ? 9  DC  A C6    1 
ATOM   181 P P     . DG  A 1 10 ? -10.386 5.867   -5.241  1.00 54.65  ? 10 DG  A P     1 
ATOM   182 O OP1   . DG  A 1 10 ? -10.600 6.838   -4.137  1.00 48.67  ? 10 DG  A OP1   1 
ATOM   183 O OP2   . DG  A 1 10 ? -11.526 5.141   -5.856  1.00 44.28  ? 10 DG  A OP2   1 
ATOM   184 O "O5'" . DG  A 1 10 ? -9.560  6.589   -6.416  1.00 52.65  ? 10 DG  A "O5'" 1 
ATOM   185 C "C5'" . DG  A 1 10 ? -8.742  7.753   -6.295  1.00 49.51  ? 10 DG  A "C5'" 1 
ATOM   186 C "C4'" . DG  A 1 10 ? -8.309  8.278   -7.680  1.00 50.67  ? 10 DG  A "C4'" 1 
ATOM   187 O "O4'" . DG  A 1 10 ? -7.399  7.400   -8.354  1.00 50.56  ? 10 DG  A "O4'" 1 
ATOM   188 C "C3'" . DG  A 1 10 ? -9.428  8.494   -8.687  1.00 50.59  ? 10 DG  A "C3'" 1 
ATOM   189 O "O3'" . DG  A 1 10 ? -8.866  9.361   -9.670  1.00 58.27  ? 10 DG  A "O3'" 1 
ATOM   190 C "C2'" . DG  A 1 10 ? -9.524  7.122   -9.317  1.00 45.92  ? 10 DG  A "C2'" 1 
ATOM   191 C "C1'" . DG  A 1 10 ? -8.066  6.736   -9.448  1.00 44.73  ? 10 DG  A "C1'" 1 
ATOM   192 N N9    . DG  A 1 10 ? -7.760  5.292   -9.624  1.00 38.88  ? 10 DG  A N9    1 
ATOM   193 C C8    . DG  A 1 10 ? -8.618  4.228   -9.731  1.00 35.97  ? 10 DG  A C8    1 
ATOM   194 N N7    . DG  A 1 10 ? -8.042  3.101   -10.051 1.00 32.02  ? 10 DG  A N7    1 
ATOM   195 C C5    . DG  A 1 10 ? -6.699  3.447   -10.151 1.00 32.36  ? 10 DG  A C5    1 
ATOM   196 C C6    . DG  A 1 10 ? -5.584  2.652   -10.525 1.00 29.84  ? 10 DG  A C6    1 
ATOM   197 O O6    . DG  A 1 10 ? -5.606  1.442   -10.759 1.00 20.52  ? 10 DG  A O6    1 
ATOM   198 N N1    . DG  A 1 10 ? -4.388  3.396   -10.587 1.00 20.89  ? 10 DG  A N1    1 
ATOM   199 C C2    . DG  A 1 10 ? -4.294  4.742   -10.311 1.00 24.98  ? 10 DG  A C2    1 
ATOM   200 N N2    . DG  A 1 10 ? -3.123  5.363   -10.461 1.00 19.91  ? 10 DG  A N2    1 
ATOM   201 N N3    . DG  A 1 10 ? -5.352  5.470   -9.947  1.00 33.49  ? 10 DG  A N3    1 
ATOM   202 C C4    . DG  A 1 10 ? -6.517  4.775   -9.888  1.00 32.92  ? 10 DG  A C4    1 
ATOM   203 P P     . DC  A 1 11 ? -9.410  10.838  -9.970  1.00 62.75  ? 11 DC  A P     1 
ATOM   204 O OP1   . DC  A 1 11 ? -9.937  11.682  -8.872  1.00 63.85  ? 11 DC  A OP1   1 
ATOM   205 O OP2   . DC  A 1 11 ? -10.215 10.637  -11.206 1.00 58.80  ? 11 DC  A OP2   1 
ATOM   206 O "O5'" . DC  A 1 11 ? -7.907  11.296  -10.354 1.00 60.02  ? 11 DC  A "O5'" 1 
ATOM   207 C "C5'" . DC  A 1 11 ? -6.830  11.354  -9.396  1.00 56.39  ? 11 DC  A "C5'" 1 
ATOM   208 C "C4'" . DC  A 1 11 ? -5.456  11.032  -10.009 1.00 55.59  ? 11 DC  A "C4'" 1 
ATOM   209 O "O4'" . DC  A 1 11 ? -5.384  9.660   -10.461 1.00 53.84  ? 11 DC  A "O4'" 1 
ATOM   210 C "C3'" . DC  A 1 11 ? -5.136  11.905  -11.246 1.00 54.75  ? 11 DC  A "C3'" 1 
ATOM   211 O "O3'" . DC  A 1 11 ? -3.728  12.268  -11.308 1.00 53.90  ? 11 DC  A "O3'" 1 
ATOM   212 C "C2'" . DC  A 1 11 ? -5.536  10.962  -12.383 1.00 48.90  ? 11 DC  A "C2'" 1 
ATOM   213 C "C1'" . DC  A 1 11 ? -5.064  9.615   -11.876 1.00 45.88  ? 11 DC  A "C1'" 1 
ATOM   214 N N1    . DC  A 1 11 ? -5.725  8.458   -12.501 1.00 38.61  ? 11 DC  A N1    1 
ATOM   215 C C2    . DC  A 1 11 ? -4.980  7.348   -12.892 1.00 34.28  ? 11 DC  A C2    1 
ATOM   216 O O2    . DC  A 1 11 ? -3.766  7.375   -12.992 1.00 27.70  ? 11 DC  A O2    1 
ATOM   217 N N3    . DC  A 1 11 ? -5.622  6.215   -13.277 1.00 34.80  ? 11 DC  A N3    1 
ATOM   218 C C4    . DC  A 1 11 ? -6.962  6.184   -13.291 1.00 42.89  ? 11 DC  A C4    1 
ATOM   219 N N4    . DC  A 1 11 ? -7.598  5.059   -13.584 1.00 47.14  ? 11 DC  A N4    1 
ATOM   220 C C5    . DC  A 1 11 ? -7.742  7.319   -12.931 1.00 44.81  ? 11 DC  A C5    1 
ATOM   221 C C6    . DC  A 1 11 ? -7.082  8.425   -12.542 1.00 44.87  ? 11 DC  A C6    1 
ATOM   222 P P     . DG  A 1 12 ? -3.280  13.615  -12.090 1.00 56.55  ? 12 DG  A P     1 
ATOM   223 O OP1   . DG  A 1 12 ? -1.958  14.203  -11.763 1.00 49.15  ? 12 DG  A OP1   1 
ATOM   224 O OP2   . DG  A 1 12 ? -4.369  14.490  -12.598 1.00 49.14  ? 12 DG  A OP2   1 
ATOM   225 O "O5'" . DG  A 1 12 ? -3.008  12.448  -13.151 1.00 55.29  ? 12 DG  A "O5'" 1 
ATOM   226 C "C5'" . DG  A 1 12 ? -2.952  12.798  -14.523 1.00 53.48  ? 12 DG  A "C5'" 1 
ATOM   227 C "C4'" . DG  A 1 12 ? -1.879  12.041  -15.282 1.00 48.67  ? 12 DG  A "C4'" 1 
ATOM   228 O "O4'" . DG  A 1 12 ? -2.212  10.631  -15.344 1.00 44.35  ? 12 DG  A "O4'" 1 
ATOM   229 C "C3'" . DG  A 1 12 ? -1.836  12.597  -16.720 1.00 47.13  ? 12 DG  A "C3'" 1 
ATOM   230 O "O3'" . DG  A 1 12 ? -0.523  12.594  -17.292 1.00 44.65  ? 12 DG  A "O3'" 1 
ATOM   231 C "C2'" . DG  A 1 12 ? -2.828  11.688  -17.405 1.00 42.30  ? 12 DG  A "C2'" 1 
ATOM   232 C "C1'" . DG  A 1 12 ? -2.716  10.365  -16.653 1.00 39.69  ? 12 DG  A "C1'" 1 
ATOM   233 N N9    . DG  A 1 12 ? -4.016  9.726   -16.503 1.00 37.80  ? 12 DG  A N9    1 
ATOM   234 C C8    . DG  A 1 12 ? -5.232  10.291  -16.201 1.00 39.97  ? 12 DG  A C8    1 
ATOM   235 N N7    . DG  A 1 12 ? -6.232  9.452   -16.175 1.00 35.27  ? 12 DG  A N7    1 
ATOM   236 C C5    . DG  A 1 12 ? -5.617  8.244   -16.477 1.00 38.19  ? 12 DG  A C5    1 
ATOM   237 C C6    . DG  A 1 12 ? -6.223  7.008   -16.713 1.00 41.92  ? 12 DG  A C6    1 
ATOM   238 O O6    . DG  A 1 12 ? -7.412  6.732   -16.531 1.00 51.68  ? 12 DG  A O6    1 
ATOM   239 N N1    . DG  A 1 12 ? -5.309  6.082   -17.174 1.00 37.05  ? 12 DG  A N1    1 
ATOM   240 C C2    . DG  A 1 12 ? -3.972  6.313   -17.371 1.00 38.11  ? 12 DG  A C2    1 
ATOM   241 N N2    . DG  A 1 12 ? -3.260  5.326   -17.898 1.00 41.33  ? 12 DG  A N2    1 
ATOM   242 N N3    . DG  A 1 12 ? -3.383  7.476   -17.121 1.00 36.17  ? 12 DG  A N3    1 
ATOM   243 C C4    . DG  A 1 12 ? -4.271  8.396   -16.687 1.00 37.61  ? 12 DG  A C4    1 
ATOM   244 O "O5'" . DC  B 1 1  ? -7.545  -2.697  -20.975 1.00 55.92  ? 13 DC  B "O5'" 1 
ATOM   245 C "C5'" . DC  B 1 1  ? -7.287  -1.318  -20.704 1.00 58.68  ? 13 DC  B "C5'" 1 
ATOM   246 C "C4'" . DC  B 1 1  ? -5.851  -1.040  -20.184 1.00 59.66  ? 13 DC  B "C4'" 1 
ATOM   247 O "O4'" . DC  B 1 1  ? -5.722  0.351   -19.838 1.00 57.14  ? 13 DC  B "O4'" 1 
ATOM   248 C "C3'" . DC  B 1 1  ? -5.405  -1.782  -18.911 1.00 59.96  ? 13 DC  B "C3'" 1 
ATOM   249 O "O3'" . DC  B 1 1  ? -3.975  -1.637  -18.772 1.00 62.43  ? 13 DC  B "O3'" 1 
ATOM   250 C "C2'" . DC  B 1 1  ? -6.043  -0.895  -17.877 1.00 53.97  ? 13 DC  B "C2'" 1 
ATOM   251 C "C1'" . DC  B 1 1  ? -5.669  0.475   -18.407 1.00 51.14  ? 13 DC  B "C1'" 1 
ATOM   252 N N1    . DC  B 1 1  ? -6.495  1.589   -17.961 1.00 44.16  ? 13 DC  B N1    1 
ATOM   253 C C2    . DC  B 1 1  ? -5.917  2.826   -17.913 1.00 40.67  ? 13 DC  B C2    1 
ATOM   254 O O2    . DC  B 1 1  ? -4.705  2.984   -17.998 1.00 34.38  ? 13 DC  B O2    1 
ATOM   255 N N3    . DC  B 1 1  ? -6.721  3.893   -17.717 1.00 47.84  ? 13 DC  B N3    1 
ATOM   256 C C4    . DC  B 1 1  ? -8.044  3.753   -17.568 1.00 56.46  ? 13 DC  B C4    1 
ATOM   257 N N4    . DC  B 1 1  ? -8.822  4.839   -17.522 1.00 62.70  ? 13 DC  B N4    1 
ATOM   258 C C5    . DC  B 1 1  ? -8.650  2.467   -17.571 1.00 54.23  ? 13 DC  B C5    1 
ATOM   259 C C6    . DC  B 1 1  ? -7.828  1.420   -17.772 1.00 50.98  ? 13 DC  B C6    1 
ATOM   260 P P     . DG  B 1 2  ? -2.907  -2.741  -19.214 1.00 56.77  ? 14 DG  B P     1 
ATOM   261 O OP1   . DG  B 1 2  ? -3.108  -2.372  -20.642 1.00 54.49  ? 14 DG  B OP1   1 
ATOM   262 O OP2   . DG  B 1 2  ? -3.155  -4.128  -18.749 1.00 44.23  ? 14 DG  B OP2   1 
ATOM   263 O "O5'" . DG  B 1 2  ? -1.439  -2.296  -18.790 1.00 51.82  ? 14 DG  B "O5'" 1 
ATOM   264 C "C5'" . DG  B 1 2  ? -0.759  -1.244  -19.493 1.00 52.68  ? 14 DG  B "C5'" 1 
ATOM   265 C "C4'" . DG  B 1 2  ? -0.233  -0.107  -18.610 1.00 54.24  ? 14 DG  B "C4'" 1 
ATOM   266 O "O4'" . DG  B 1 2  ? -1.316  0.688   -18.101 1.00 52.98  ? 14 DG  B "O4'" 1 
ATOM   267 C "C3'" . DG  B 1 2  ? 0.544   -0.646  -17.406 1.00 56.60  ? 14 DG  B "C3'" 1 
ATOM   268 O "O3'" . DG  B 1 2  ? 1.682   0.139   -17.132 1.00 60.04  ? 14 DG  B "O3'" 1 
ATOM   269 C "C2'" . DG  B 1 2  ? -0.406  -0.391  -16.264 1.00 55.66  ? 14 DG  B "C2'" 1 
ATOM   270 C "C1'" . DG  B 1 2  ? -1.113  0.890   -16.690 1.00 53.66  ? 14 DG  B "C1'" 1 
ATOM   271 N N9    . DG  B 1 2  ? -2.379  1.129   -15.951 1.00 48.08  ? 14 DG  B N9    1 
ATOM   272 C C8    . DG  B 1 2  ? -3.401  0.242   -15.744 1.00 47.32  ? 14 DG  B C8    1 
ATOM   273 N N7    . DG  B 1 2  ? -4.438  0.759   -15.146 1.00 48.57  ? 14 DG  B N7    1 
ATOM   274 C C5    . DG  B 1 2  ? -4.087  2.093   -14.934 1.00 40.77  ? 14 DG  B C5    1 
ATOM   275 C C6    . DG  B 1 2  ? -4.798  3.111   -14.246 1.00 33.45  ? 14 DG  B C6    1 
ATOM   276 O O6    . DG  B 1 2  ? -5.955  3.066   -13.818 1.00 28.46  ? 14 DG  B O6    1 
ATOM   277 N N1    . DG  B 1 2  ? -4.051  4.262   -14.133 1.00 24.63  ? 14 DG  B N1    1 
ATOM   278 C C2    . DG  B 1 2  ? -2.780  4.435   -14.634 1.00 28.64  ? 14 DG  B C2    1 
ATOM   279 N N2    . DG  B 1 2  ? -2.171  5.597   -14.400 1.00 26.76  ? 14 DG  B N2    1 
ATOM   280 N N3    . DG  B 1 2  ? -2.116  3.490   -15.302 1.00 32.06  ? 14 DG  B N3    1 
ATOM   281 C C4    . DG  B 1 2  ? -2.825  2.337   -15.418 1.00 42.67  ? 14 DG  B C4    1 
ATOM   282 P P     . DC  B 1 3  ? 2.941   -0.623  -16.516 1.00 60.13  ? 15 DC  B P     1 
ATOM   283 O OP1   . DC  B 1 3  ? 3.789   -0.279  -17.684 1.00 63.97  ? 15 DC  B OP1   1 
ATOM   284 O OP2   . DC  B 1 3  ? 3.149   -1.905  -15.798 1.00 63.77  ? 15 DC  B OP2   1 
ATOM   285 O "O5'" . DC  B 1 3  ? 3.078   0.536   -15.420 1.00 50.63  ? 15 DC  B "O5'" 1 
ATOM   286 C "C5'" . DC  B 1 3  ? 3.669   1.796   -15.723 1.00 43.97  ? 15 DC  B "C5'" 1 
ATOM   287 C "C4'" . DC  B 1 3  ? 3.379   2.813   -14.642 1.00 40.30  ? 15 DC  B "C4'" 1 
ATOM   288 O "O4'" . DC  B 1 3  ? 1.957   2.822   -14.443 1.00 39.94  ? 15 DC  B "O4'" 1 
ATOM   289 C "C3'" . DC  B 1 3  ? 3.974   2.335   -13.360 1.00 41.86  ? 15 DC  B "C3'" 1 
ATOM   290 O "O3'" . DC  B 1 3  ? 4.646   3.304   -12.620 1.00 44.70  ? 15 DC  B "O3'" 1 
ATOM   291 C "C2'" . DC  B 1 3  ? 2.801   1.954   -12.533 1.00 39.58  ? 15 DC  B "C2'" 1 
ATOM   292 C "C1'" . DC  B 1 3  ? 1.659   2.768   -13.048 1.00 32.13  ? 15 DC  B "C1'" 1 
ATOM   293 N N1    . DC  B 1 3  ? 0.386   2.062   -12.707 1.00 28.35  ? 15 DC  B N1    1 
ATOM   294 C C2    . DC  B 1 3  ? -0.646  2.830   -12.230 1.00 21.83  ? 15 DC  B C2    1 
ATOM   295 O O2    . DC  B 1 3  ? -0.487  4.039   -12.077 1.00 24.89  ? 15 DC  B O2    1 
ATOM   296 N N3    . DC  B 1 3  ? -1.815  2.210   -11.889 1.00 14.69  ? 15 DC  B N3    1 
ATOM   297 C C4    . DC  B 1 3  ? -1.948  0.887   -12.004 1.00 12.68  ? 15 DC  B C4    1 
ATOM   298 N N4    . DC  B 1 3  ? -3.077  0.314   -11.617 1.00 16.23  ? 15 DC  B N4    1 
ATOM   299 C C5    . DC  B 1 3  ? -0.900  0.067   -12.488 1.00 13.14  ? 15 DC  B C5    1 
ATOM   300 C C6    . DC  B 1 3  ? 0.243   0.697   -12.830 1.00 25.86  ? 15 DC  B C6    1 
ATOM   301 P P     . DG  B 1 4  ? 5.997   2.725   -11.978 1.00 46.14  ? 16 DG  B P     1 
ATOM   302 O OP1   . DG  B 1 4  ? 7.318   2.890   -12.633 1.00 44.16  ? 16 DG  B OP1   1 
ATOM   303 O OP2   . DG  B 1 4  ? 5.691   1.459   -11.261 1.00 43.56  ? 16 DG  B OP2   1 
ATOM   304 O "O5'" . DG  B 1 4  ? 5.809   3.911   -10.892 1.00 43.73  ? 16 DG  B "O5'" 1 
ATOM   305 C "C5'" . DG  B 1 4  ? 5.704   5.311   -11.183 1.00 37.60  ? 16 DG  B "C5'" 1 
ATOM   306 C "C4'" . DG  B 1 4  ? 4.651   5.993   -10.323 1.00 36.67  ? 16 DG  B "C4'" 1 
ATOM   307 O "O4'" . DG  B 1 4  ? 3.379   5.291   -10.370 1.00 37.76  ? 16 DG  B "O4'" 1 
ATOM   308 C "C3'" . DG  B 1 4  ? 5.075   5.984   -8.873  1.00 38.97  ? 16 DG  B "C3'" 1 
ATOM   309 O "O3'" . DG  B 1 4  ? 4.666   7.209   -8.246  1.00 43.38  ? 16 DG  B "O3'" 1 
ATOM   310 C "C2'" . DG  B 1 4  ? 4.297   4.779   -8.358  1.00 29.97  ? 16 DG  B "C2'" 1 
ATOM   311 C "C1'" . DG  B 1 4  ? 2.965   4.890   -9.040  1.00 31.53  ? 16 DG  B "C1'" 1 
ATOM   312 N N9    . DG  B 1 4  ? 2.182   3.631   -8.955  1.00 28.20  ? 16 DG  B N9    1 
ATOM   313 C C8    . DG  B 1 4  ? 2.631   2.343   -9.107  1.00 22.13  ? 16 DG  B C8    1 
ATOM   314 N N7    . DG  B 1 4  ? 1.688   1.443   -9.011  1.00 19.57  ? 16 DG  B N7    1 
ATOM   315 C C5    . DG  B 1 4  ? 0.538   2.161   -8.776  1.00 18.23  ? 16 DG  B C5    1 
ATOM   316 C C6    . DG  B 1 4  ? -0.759  1.688   -8.430  1.00 27.02  ? 16 DG  B C6    1 
ATOM   317 O O6    . DG  B 1 4  ? -1.154  0.522   -8.371  1.00 31.04  ? 16 DG  B O6    1 
ATOM   318 N N1    . DG  B 1 4  ? -1.617  2.718   -8.080  1.00 27.56  ? 16 DG  B N1    1 
ATOM   319 C C2    . DG  B 1 4  ? -1.267  4.053   -8.058  1.00 28.23  ? 16 DG  B C2    1 
ATOM   320 N N2    . DG  B 1 4  ? -2.197  4.909   -7.637  1.00 31.11  ? 16 DG  B N2    1 
ATOM   321 N N3    . DG  B 1 4  ? -0.042  4.503   -8.393  1.00 26.39  ? 16 DG  B N3    1 
ATOM   322 C C4    . DG  B 1 4  ? 0.814   3.508   -8.739  1.00 25.30  ? 16 DG  B C4    1 
ATOM   323 P P     . DT  B 1 5  ? 5.105   7.424   -6.715  1.00 42.31  ? 17 DT  B P     1 
ATOM   324 O OP1   . DT  B 1 5  ? 5.623   8.811   -6.663  1.00 45.64  ? 17 DT  B OP1   1 
ATOM   325 O OP2   . DT  B 1 5  ? 5.849   6.336   -6.040  1.00 45.94  ? 17 DT  B OP2   1 
ATOM   326 O "O5'" . DT  B 1 5  ? 3.601   7.393   -6.097  1.00 40.61  ? 17 DT  B "O5'" 1 
ATOM   327 C "C5'" . DT  B 1 5  ? 2.692   8.492   -6.137  1.00 40.89  ? 17 DT  B "C5'" 1 
ATOM   328 C "C4'" . DT  B 1 5  ? 1.428   8.261   -5.268  1.00 45.85  ? 17 DT  B "C4'" 1 
ATOM   329 O "O4'" . DT  B 1 5  ? 0.788   6.988   -5.563  1.00 39.31  ? 17 DT  B "O4'" 1 
ATOM   330 C "C3'" . DT  B 1 5  ? 1.600   8.347   -3.729  1.00 44.80  ? 17 DT  B "C3'" 1 
ATOM   331 O "O3'" . DT  B 1 5  ? 0.411   8.903   -3.066  1.00 50.86  ? 17 DT  B "O3'" 1 
ATOM   332 C "C2'" . DT  B 1 5  ? 1.776   6.861   -3.439  1.00 38.63  ? 17 DT  B "C2'" 1 
ATOM   333 C "C1'" . DT  B 1 5  ? 0.825   6.151   -4.392  1.00 29.81  ? 17 DT  B "C1'" 1 
ATOM   334 N N1    . DT  B 1 5  ? 1.176   4.741   -4.714  1.00 21.71  ? 17 DT  B N1    1 
ATOM   335 C C2    . DT  B 1 5  ? 0.123   3.863   -4.761  1.00 21.81  ? 17 DT  B C2    1 
ATOM   336 O O2    . DT  B 1 5  ? -1.021  4.184   -4.476  1.00 17.32  ? 17 DT  B O2    1 
ATOM   337 N N3    . DT  B 1 5  ? 0.432   2.540   -5.042  1.00 24.33  ? 17 DT  B N3    1 
ATOM   338 C C4    . DT  B 1 5  ? 1.697   2.043   -5.248  1.00 17.98  ? 17 DT  B C4    1 
ATOM   339 O O4    . DT  B 1 5  ? 1.837   0.854   -5.458  1.00 23.34  ? 17 DT  B O4    1 
ATOM   340 C C5    . DT  B 1 5  ? 2.754   3.003   -5.161  1.00 12.57  ? 17 DT  B C5    1 
ATOM   341 C C7    . DT  B 1 5  ? 4.188   2.483   -5.260  1.00 11.83  ? 17 DT  B C7    1 
ATOM   342 C C6    . DT  B 1 5  ? 2.474   4.299   -4.920  1.00 15.79  ? 17 DT  B C6    1 
ATOM   343 P P     . DT  B 1 6  ? 0.454   9.915   -1.756  1.00 45.67  ? 18 DT  B P     1 
ATOM   344 O OP1   . DT  B 1 6  ? -0.490  10.921  -2.298  1.00 46.14  ? 18 DT  B OP1   1 
ATOM   345 O OP2   . DT  B 1 6  ? 1.363   10.290  -0.647  1.00 37.11  ? 18 DT  B OP2   1 
ATOM   346 O "O5'" . DT  B 1 6  ? -0.346  8.609   -1.278  1.00 31.19  ? 18 DT  B "O5'" 1 
ATOM   347 C "C5'" . DT  B 1 6  ? -1.750  8.450   -1.305  1.00 33.75  ? 18 DT  B "C5'" 1 
ATOM   348 C "C4'" . DT  B 1 6  ? -2.139  7.206   -0.523  1.00 41.25  ? 18 DT  B "C4'" 1 
ATOM   349 O "O4'" . DT  B 1 6  ? -1.678  6.003   -1.161  1.00 43.70  ? 18 DT  B "O4'" 1 
ATOM   350 C "C3'" . DT  B 1 6  ? -1.527  7.182   0.888   1.00 42.51  ? 18 DT  B "C3'" 1 
ATOM   351 O "O3'" . DT  B 1 6  ? -2.384  6.488   1.810   1.00 49.02  ? 18 DT  B "O3'" 1 
ATOM   352 C "C2'" . DT  B 1 6  ? -0.335  6.266   0.666   1.00 40.99  ? 18 DT  B "C2'" 1 
ATOM   353 C "C1'" . DT  B 1 6  ? -0.971  5.211   -0.206  1.00 38.24  ? 18 DT  B "C1'" 1 
ATOM   354 N N1    . DT  B 1 6  ? -0.159  4.099   -0.724  1.00 29.29  ? 18 DT  B N1    1 
ATOM   355 C C2    . DT  B 1 6  ? -0.818  2.946   -1.102  1.00 26.26  ? 18 DT  B C2    1 
ATOM   356 O O2    . DT  B 1 6  ? -2.035  2.779   -1.049  1.00 27.83  ? 18 DT  B O2    1 
ATOM   357 N N3    . DT  B 1 6  ? -0.032  1.952   -1.621  1.00 26.61  ? 18 DT  B N3    1 
ATOM   358 C C4    . DT  B 1 6  ? 1.324   2.002   -1.810  1.00 25.67  ? 18 DT  B C4    1 
ATOM   359 O O4    . DT  B 1 6  ? 1.881   1.099   -2.416  1.00 27.30  ? 18 DT  B O4    1 
ATOM   360 C C5    . DT  B 1 6  ? 1.929   3.220   -1.378  1.00 26.35  ? 18 DT  B C5    1 
ATOM   361 C C7    . DT  B 1 6  ? 3.419   3.363   -1.496  1.00 26.89  ? 18 DT  B C7    1 
ATOM   362 C C6    . DT  B 1 6  ? 1.189   4.216   -0.860  1.00 30.84  ? 18 DT  B C6    1 
ATOM   363 P P     . DA  B 1 7  ? -3.875  6.980   2.143   1.00 44.80  ? 19 DA  B P     1 
ATOM   364 O OP1   . DA  B 1 7  ? -4.542  7.777   1.087   1.00 43.44  ? 19 DA  B OP1   1 
ATOM   365 O OP2   . DA  B 1 7  ? -3.195  7.668   3.276   1.00 43.69  ? 19 DA  B OP2   1 
ATOM   366 O "O5'" . DA  B 1 7  ? -4.893  5.932   2.773   1.00 32.59  ? 19 DA  B "O5'" 1 
ATOM   367 C "C5'" . DA  B 1 7  ? -5.799  5.277   1.916   1.00 36.41  ? 19 DA  B "C5'" 1 
ATOM   368 C "C4'" . DA  B 1 7  ? -5.976  3.792   2.190   1.00 35.54  ? 19 DA  B "C4'" 1 
ATOM   369 O "O4'" . DA  B 1 7  ? -4.768  3.107   1.813   1.00 36.19  ? 19 DA  B "O4'" 1 
ATOM   370 C "C3'" . DA  B 1 7  ? -6.204  3.558   3.637   1.00 33.02  ? 19 DA  B "C3'" 1 
ATOM   371 O "O3'" . DA  B 1 7  ? -7.268  2.634   3.773   1.00 39.20  ? 19 DA  B "O3'" 1 
ATOM   372 C "C2'" . DA  B 1 7  ? -4.859  2.976   4.081   1.00 34.54  ? 19 DA  B "C2'" 1 
ATOM   373 C "C1'" . DA  B 1 7  ? -4.275  2.306   2.859   1.00 33.08  ? 19 DA  B "C1'" 1 
ATOM   374 N N9    . DA  B 1 7  ? -2.810  2.257   2.715   1.00 27.64  ? 19 DA  B N9    1 
ATOM   375 C C8    . DA  B 1 7  ? -1.909  3.258   2.833   1.00 28.82  ? 19 DA  B C8    1 
ATOM   376 N N7    . DA  B 1 7  ? -0.690  2.928   2.476   1.00 30.72  ? 19 DA  B N7    1 
ATOM   377 C C5    . DA  B 1 7  ? -0.796  1.604   2.089   1.00 30.11  ? 19 DA  B C5    1 
ATOM   378 C C6    . DA  B 1 7  ? 0.163   0.649   1.671   1.00 28.21  ? 19 DA  B C6    1 
ATOM   379 N N6    . DA  B 1 7  ? 1.442   0.963   1.547   1.00 27.49  ? 19 DA  B N6    1 
ATOM   380 N N1    . DA  B 1 7  ? -0.229  -0.615  1.447   1.00 18.34  ? 19 DA  B N1    1 
ATOM   381 C C2    . DA  B 1 7  ? -1.516  -0.880  1.658   1.00 28.49  ? 19 DA  B C2    1 
ATOM   382 N N3    . DA  B 1 7  ? -2.525  -0.090  2.054   1.00 30.06  ? 19 DA  B N3    1 
ATOM   383 C C4    . DA  B 1 7  ? -2.085  1.178   2.249   1.00 31.98  ? 19 DA  B C4    1 
ATOM   384 P P     . DA  B 1 8  ? -7.753  2.190   5.274   1.00 42.63  ? 20 DA  B P     1 
ATOM   385 O OP1   . DA  B 1 8  ? -9.225  2.133   5.072   1.00 37.03  ? 20 DA  B OP1   1 
ATOM   386 O OP2   . DA  B 1 8  ? -7.176  3.003   6.377   1.00 40.60  ? 20 DA  B OP2   1 
ATOM   387 O "O5'" . DA  B 1 8  ? -7.283  0.692   5.550   1.00 45.39  ? 20 DA  B "O5'" 1 
ATOM   388 C "C5'" . DA  B 1 8  ? -7.553  -0.311  4.570   1.00 42.36  ? 20 DA  B "C5'" 1 
ATOM   389 C "C4'" . DA  B 1 8  ? -6.656  -1.520  4.697   1.00 41.17  ? 20 DA  B "C4'" 1 
ATOM   390 O "O4'" . DA  B 1 8  ? -5.255  -1.250  4.354   1.00 34.99  ? 20 DA  B "O4'" 1 
ATOM   391 C "C3'" . DA  B 1 8  ? -6.742  -1.911  6.156   1.00 42.09  ? 20 DA  B "C3'" 1 
ATOM   392 O "O3'" . DA  B 1 8  ? -7.062  -3.303  6.233   1.00 47.46  ? 20 DA  B "O3'" 1 
ATOM   393 C "C2'" . DA  B 1 8  ? -5.320  -1.557  6.642   1.00 41.97  ? 20 DA  B "C2'" 1 
ATOM   394 C "C1'" . DA  B 1 8  ? -4.419  -1.706  5.416   1.00 33.78  ? 20 DA  B "C1'" 1 
ATOM   395 N N9    . DA  B 1 8  ? -3.118  -0.986  5.462   1.00 30.06  ? 20 DA  B N9    1 
ATOM   396 C C8    . DA  B 1 8  ? -2.878  0.336   5.690   1.00 26.32  ? 20 DA  B C8    1 
ATOM   397 N N7    . DA  B 1 8  ? -1.642  0.691   5.460   1.00 27.08  ? 20 DA  B N7    1 
ATOM   398 C C5    . DA  B 1 8  ? -1.006  -0.474  5.058   1.00 21.24  ? 20 DA  B C5    1 
ATOM   399 C C6    . DA  B 1 8  ? 0.316   -0.750  4.702   1.00 22.58  ? 20 DA  B C6    1 
ATOM   400 N N6    . DA  B 1 8  ? 1.275   0.168   4.684   1.00 20.85  ? 20 DA  B N6    1 
ATOM   401 N N1    . DA  B 1 8  ? 0.629   -2.013  4.413   1.00 24.29  ? 20 DA  B N1    1 
ATOM   402 C C2    . DA  B 1 8  ? -0.318  -2.946  4.493   1.00 24.90  ? 20 DA  B C2    1 
ATOM   403 N N3    . DA  B 1 8  ? -1.589  -2.827  4.813   1.00 18.76  ? 20 DA  B N3    1 
ATOM   404 C C4    . DA  B 1 8  ? -1.882  -1.520  5.077   1.00 26.30  ? 20 DA  B C4    1 
ATOM   405 P P     . DC  B 1 9  ? -7.465  -3.984  7.631   1.00 56.63  ? 21 DC  B P     1 
ATOM   406 O OP1   . DC  B 1 9  ? -8.439  -5.103  7.520   1.00 56.18  ? 21 DC  B OP1   1 
ATOM   407 O OP2   . DC  B 1 9  ? -7.763  -2.900  8.605   1.00 64.70  ? 21 DC  B OP2   1 
ATOM   408 O "O5'" . DC  B 1 9  ? -5.967  -4.539  7.955   1.00 45.41  ? 21 DC  B "O5'" 1 
ATOM   409 C "C5'" . DC  B 1 9  ? -5.436  -5.633  7.205   1.00 36.64  ? 21 DC  B "C5'" 1 
ATOM   410 C "C4'" . DC  B 1 9  ? -4.009  -6.022  7.579   1.00 35.20  ? 21 DC  B "C4'" 1 
ATOM   411 O "O4'" . DC  B 1 9  ? -3.082  -4.922  7.365   1.00 28.74  ? 21 DC  B "O4'" 1 
ATOM   412 C "C3'" . DC  B 1 9  ? -3.930  -6.326  9.045   1.00 38.24  ? 21 DC  B "C3'" 1 
ATOM   413 O "O3'" . DC  B 1 9  ? -3.338  -7.620  9.269   1.00 47.30  ? 21 DC  B "O3'" 1 
ATOM   414 C "C2'" . DC  B 1 9  ? -2.953  -5.250  9.529   1.00 31.69  ? 21 DC  B "C2'" 1 
ATOM   415 C "C1'" . DC  B 1 9  ? -2.052  -4.988  8.346   1.00 19.28  ? 21 DC  B "C1'" 1 
ATOM   416 N N1    . DC  B 1 9  ? -1.265  -3.721  8.373   1.00 21.46  ? 21 DC  B N1    1 
ATOM   417 C C2    . DC  B 1 9  ? 0.104   -3.750  8.153   1.00 27.92  ? 21 DC  B C2    1 
ATOM   418 O O2    . DC  B 1 9  ? 0.726   -4.757  7.840   1.00 35.42  ? 21 DC  B O2    1 
ATOM   419 N N3    . DC  B 1 9  ? 0.797   -2.587  8.158   1.00 28.76  ? 21 DC  B N3    1 
ATOM   420 C C4    . DC  B 1 9  ? 0.188   -1.411  8.354   1.00 27.02  ? 21 DC  B C4    1 
ATOM   421 N N4    . DC  B 1 9  ? 0.939   -0.298  8.394   1.00 24.21  ? 21 DC  B N4    1 
ATOM   422 C C5    . DC  B 1 9  ? -1.222  -1.355  8.566   1.00 21.99  ? 21 DC  B C5    1 
ATOM   423 C C6    . DC  B 1 9  ? -1.888  -2.525  8.567   1.00 23.98  ? 21 DC  B C6    1 
ATOM   424 P P     . DG  B 1 10 ? -3.989  -8.591  10.395  1.00 47.96  ? 22 DG  B P     1 
ATOM   425 O OP1   . DG  B 1 10 ? -4.497  -9.979  10.533  1.00 51.70  ? 22 DG  B OP1   1 
ATOM   426 O OP2   . DG  B 1 10 ? -4.579  -7.574  11.298  1.00 55.41  ? 22 DG  B OP2   1 
ATOM   427 O "O5'" . DG  B 1 10 ? -2.417  -8.579  10.677  1.00 39.34  ? 22 DG  B "O5'" 1 
ATOM   428 C "C5'" . DG  B 1 10 ? -1.532  -9.678  10.547  1.00 35.11  ? 22 DG  B "C5'" 1 
ATOM   429 C "C4'" . DG  B 1 10 ? -0.299  -9.389  11.409  1.00 39.03  ? 22 DG  B "C4'" 1 
ATOM   430 O "O4'" . DG  B 1 10 ? 0.317   -8.122  11.051  1.00 38.79  ? 22 DG  B "O4'" 1 
ATOM   431 C "C3'" . DG  B 1 10 ? -0.591  -9.292  12.920  1.00 42.41  ? 22 DG  B "C3'" 1 
ATOM   432 O "O3'" . DG  B 1 10 ? 0.569   -9.688  13.665  1.00 48.76  ? 22 DG  B "O3'" 1 
ATOM   433 C "C2'" . DG  B 1 10 ? -0.769  -7.800  13.115  1.00 37.09  ? 22 DG  B "C2'" 1 
ATOM   434 C "C1'" . DG  B 1 10 ? 0.303   -7.235  12.182  1.00 37.52  ? 22 DG  B "C1'" 1 
ATOM   435 N N9    . DG  B 1 10 ? 0.239   -5.768  11.958  1.00 34.23  ? 22 DG  B N9    1 
ATOM   436 C C8    . DG  B 1 10 ? -0.821  -4.937  12.230  1.00 36.50  ? 22 DG  B C8    1 
ATOM   437 N N7    . DG  B 1 10 ? -0.599  -3.666  12.007  1.00 39.72  ? 22 DG  B N7    1 
ATOM   438 C C5    . DG  B 1 10 ? 0.720   -3.648  11.561  1.00 40.41  ? 22 DG  B C5    1 
ATOM   439 C C6    . DG  B 1 10 ? 1.516   -2.530  11.202  1.00 39.71  ? 22 DG  B C6    1 
ATOM   440 O O6    . DG  B 1 10 ? 1.184   -1.343  11.197  1.00 41.74  ? 22 DG  B O6    1 
ATOM   441 N N1    . DG  B 1 10 ? 2.798   -2.901  10.813  1.00 34.44  ? 22 DG  B N1    1 
ATOM   442 C C2    . DG  B 1 10 ? 3.258   -4.201  10.773  1.00 36.88  ? 22 DG  B C2    1 
ATOM   443 N N2    . DG  B 1 10 ? 4.521   -4.368  10.351  1.00 30.14  ? 22 DG  B N2    1 
ATOM   444 N N3    . DG  B 1 10 ? 2.505   -5.267  11.120  1.00 33.48  ? 22 DG  B N3    1 
ATOM   445 C C4    . DG  B 1 10 ? 1.249   -4.921  11.509  1.00 34.96  ? 22 DG  B C4    1 
ATOM   446 P P     . DC  B 1 11 ? 1.026   -11.224 13.828  1.00 53.38  ? 23 DC  B P     1 
ATOM   447 O OP1   . DC  B 1 11 ? 1.067   -12.226 12.731  1.00 53.35  ? 23 DC  B OP1   1 
ATOM   448 O OP2   . DC  B 1 11 ? 0.002   -11.357 14.894  1.00 49.14  ? 23 DC  B OP2   1 
ATOM   449 O "O5'" . DC  B 1 11 ? 2.472   -11.157 14.553  1.00 46.99  ? 23 DC  B "O5'" 1 
ATOM   450 C "C5'" . DC  B 1 11 ? 3.569   -11.748 13.872  1.00 38.56  ? 23 DC  B "C5'" 1 
ATOM   451 C "C4'" . DC  B 1 11 ? 4.724   -10.827 13.531  1.00 35.39  ? 23 DC  B "C4'" 1 
ATOM   452 O "O4'" . DC  B 1 11 ? 4.123   -9.582  13.074  1.00 32.58  ? 23 DC  B "O4'" 1 
ATOM   453 C "C3'" . DC  B 1 11 ? 5.456   -10.447 14.749  1.00 36.68  ? 23 DC  B "C3'" 1 
ATOM   454 O "O3'" . DC  B 1 11 ? 6.605   -11.296 14.740  1.00 46.01  ? 23 DC  B "O3'" 1 
ATOM   455 C "C2'" . DC  B 1 11 ? 5.960   -9.049  14.353  1.00 29.47  ? 23 DC  B "C2'" 1 
ATOM   456 C "C1'" . DC  B 1 11 ? 4.945   -8.440  13.391  1.00 26.29  ? 23 DC  B "C1'" 1 
ATOM   457 N N1    . DC  B 1 11 ? 4.160   -7.288  13.923  1.00 20.83  ? 23 DC  B N1    1 
ATOM   458 C C2    . DC  B 1 11 ? 4.606   -5.984  13.750  1.00 26.04  ? 23 DC  B C2    1 
ATOM   459 O O2    . DC  B 1 11 ? 5.735   -5.718  13.364  1.00 30.46  ? 23 DC  B O2    1 
ATOM   460 N N3    . DC  B 1 11 ? 3.836   -4.938  14.149  1.00 20.31  ? 23 DC  B N3    1 
ATOM   461 C C4    . DC  B 1 11 ? 2.653   -5.166  14.724  1.00 16.62  ? 23 DC  B C4    1 
ATOM   462 N N4    . DC  B 1 11 ? 1.833   -4.132  14.954  1.00 18.60  ? 23 DC  B N4    1 
ATOM   463 C C5    . DC  B 1 11 ? 2.195   -6.498  14.958  1.00 13.15  ? 23 DC  B C5    1 
ATOM   464 C C6    . DC  B 1 11 ? 2.972   -7.514  14.537  1.00 16.25  ? 23 DC  B C6    1 
ATOM   465 P P     . DG  B 1 12 ? 7.050   -12.023 16.149  1.00 46.85  ? 24 DG  B P     1 
ATOM   466 O OP1   . DG  B 1 12 ? 7.804   -13.204 15.661  1.00 51.69  ? 24 DG  B OP1   1 
ATOM   467 O OP2   . DG  B 1 12 ? 6.081   -12.187 17.261  1.00 47.24  ? 24 DG  B OP2   1 
ATOM   468 O "O5'" . DG  B 1 12 ? 8.127   -10.900 16.626  1.00 37.63  ? 24 DG  B "O5'" 1 
ATOM   469 C "C5'" . DG  B 1 12 ? 9.230   -10.624 15.776  1.00 42.06  ? 24 DG  B "C5'" 1 
ATOM   470 C "C4'" . DG  B 1 12 ? 9.810   -9.217  15.877  1.00 46.77  ? 24 DG  B "C4'" 1 
ATOM   471 O "O4'" . DG  B 1 12 ? 8.822   -8.183  15.618  1.00 46.79  ? 24 DG  B "O4'" 1 
ATOM   472 C "C3'" . DG  B 1 12 ? 10.561  -8.908  17.183  1.00 46.55  ? 24 DG  B "C3'" 1 
ATOM   473 O "O3'" . DG  B 1 12 ? 11.829  -8.286  16.886  1.00 48.14  ? 24 DG  B "O3'" 1 
ATOM   474 C "C2'" . DG  B 1 12 ? 9.644   -7.839  17.738  1.00 48.86  ? 24 DG  B "C2'" 1 
ATOM   475 C "C1'" . DG  B 1 12 ? 9.056   -7.085  16.531  1.00 45.05  ? 24 DG  B "C1'" 1 
ATOM   476 N N9    . DG  B 1 12 ? 7.773   -6.433  16.892  1.00 42.75  ? 24 DG  B N9    1 
ATOM   477 C C8    . DG  B 1 12 ? 6.666   -7.091  17.332  1.00 36.73  ? 24 DG  B C8    1 
ATOM   478 N N7    . DG  B 1 12 ? 5.644   -6.335  17.538  1.00 36.94  ? 24 DG  B N7    1 
ATOM   479 C C5    . DG  B 1 12 ? 6.097   -5.059  17.211  1.00 33.45  ? 24 DG  B C5    1 
ATOM   480 C C6    . DG  B 1 12 ? 5.425   -3.828  17.346  1.00 28.38  ? 24 DG  B C6    1 
ATOM   481 O O6    . DG  B 1 12 ? 4.252   -3.669  17.639  1.00 38.92  ? 24 DG  B O6    1 
ATOM   482 N N1    . DG  B 1 12 ? 6.198   -2.737  17.083  1.00 31.55  ? 24 DG  B N1    1 
ATOM   483 C C2    . DG  B 1 12 ? 7.515   -2.818  16.703  1.00 39.35  ? 24 DG  B C2    1 
ATOM   484 N N2    . DG  B 1 12 ? 8.148   -1.651  16.558  1.00 39.98  ? 24 DG  B N2    1 
ATOM   485 N N3    . DG  B 1 12 ? 8.178   -3.996  16.541  1.00 39.83  ? 24 DG  B N3    1 
ATOM   486 C C4    . DG  B 1 12 ? 7.404   -5.085  16.821  1.00 36.85  ? 24 DG  B C4    1 
HETATM 487 O O     . HOH C 2 .  ? 7.004   1.731   6.045   1.00 31.76  ? 27 HOH A O     1 
HETATM 488 O O     . HOH C 2 .  ? -10.363 6.185   -12.592 1.00 28.88  ? 28 HOH A O     1 
HETATM 489 O O     . HOH C 2 .  ? -7.585  -0.143  -11.140 1.00 24.04  ? 29 HOH A O     1 
HETATM 490 O O     . HOH C 2 .  ? -8.895  -8.245  1.485   1.00 28.82  ? 31 HOH A O     1 
HETATM 491 O O     . HOH C 2 .  ? 9.029   3.476   6.675   1.00 22.59  ? 32 HOH A O     1 
HETATM 492 O O     . HOH C 2 .  ? 3.239   -10.250 4.243   1.00 37.21  ? 33 HOH A O     1 
HETATM 493 O O     . HOH C 2 .  ? 11.245  -5.581  -0.784  1.00 31.42  ? 34 HOH A O     1 
HETATM 494 O O     . HOH C 2 .  ? -12.194 -2.996  -0.374  1.00 26.28  ? 35 HOH A O     1 
HETATM 495 O O     . HOH C 2 .  ? 7.231   3.781   8.719   1.00 41.26  ? 42 HOH A O     1 
HETATM 496 O O     . HOH C 2 .  ? 7.914   7.377   18.828  1.00 49.33  ? 44 HOH A O     1 
HETATM 497 O O     . HOH C 2 .  ? 0.713   -7.599  4.351   1.00 48.63  ? 53 HOH A O     1 
HETATM 498 O O     . HOH C 2 .  ? 0.248   13.697  -13.512 1.00 48.10  ? 54 HOH A O     1 
HETATM 499 O O     . HOH C 2 .  ? 9.131   -5.740  -2.405  1.00 62.21  ? 55 HOH A O     1 
HETATM 500 O O     . HOH C 2 .  ? -5.126  2.910   -1.936  1.00 38.25  ? 57 HOH A O     1 
HETATM 501 O O     . HOH C 2 .  ? 10.470  6.657   13.483  1.00 48.31  ? 58 HOH A O     1 
HETATM 502 O O     . HOH C 2 .  ? 8.074   -9.285  -1.288  1.00 56.34  ? 59 HOH A O     1 
HETATM 503 O O     . HOH C 2 .  ? -4.367  -1.975  18.595  1.00 35.11  ? 63 HOH A O     1 
HETATM 504 O O     . HOH C 2 .  ? 6.059   -7.496  -2.892  1.00 68.45  ? 70 HOH A O     1 
HETATM 505 O O     . HOH C 2 .  ? -7.683  13.051  -6.415  1.00 47.08  ? 71 HOH A O     1 
HETATM 506 O O     . HOH C 2 .  ? 11.808  -2.396  2.162   1.00 50.36  ? 72 HOH A O     1 
HETATM 507 O O     . HOH C 2 .  ? -7.465  10.691  -5.115  1.00 76.40  ? 73 HOH A O     1 
HETATM 508 O O     . HOH C 2 .  ? -10.619 -7.382  -4.632  1.00 47.96  ? 75 HOH A O     1 
HETATM 509 O O     . HOH C 2 .  ? -10.691 12.184  -6.186  1.00 64.53  ? 80 HOH A O     1 
HETATM 510 O O     . HOH C 2 .  ? 3.978   6.262   12.051  1.00 57.59  ? 81 HOH A O     1 
HETATM 511 O O     . HOH C 2 .  ? 9.094   2.396   3.659   1.00 79.64  ? 82 HOH A O     1 
HETATM 512 O O     . HOH C 2 .  ? 7.341   -4.463  -0.102  1.00 64.78  ? 84 HOH A O     1 
HETATM 513 O O     . HOH C 2 .  ? 9.832   6.125   6.535   1.00 54.24  ? 85 HOH A O     1 
HETATM 514 O O     . HOH C 2 .  ? -9.273  9.260   -15.203 1.00 92.04  ? 88 HOH A O     1 
HETATM 515 O O     . HOH C 2 .  ? -10.739 -3.975  -5.275  1.00 95.44  ? 89 HOH A O     1 
HETATM 516 O O     . HOH C 2 .  ? -14.188 -0.824  -1.865  1.00 33.44  ? 91 HOH A O     1 
HETATM 517 O O     . HOH C 2 .  ? -10.339 -4.166  -7.993  1.00 69.35  ? 92 HOH A O     1 
HETATM 518 O O     . HOH C 2 .  ? -10.153 -4.212  -11.274 1.00 54.08  ? 94 HOH A O     1 
HETATM 519 O O     . HOH D 2 .  ? -6.622  -8.779  -19.116 1.00 23.45  ? 25 HOH B O     1 
HETATM 520 O O     . HOH D 2 .  ? 5.691   1.925   -8.128  1.00 22.08  ? 26 HOH B O     1 
HETATM 521 O O     . HOH D 2 .  ? 5.042   -14.223 15.230  1.00 28.67  ? 30 HOH B O     1 
HETATM 522 O O     . HOH D 2 .  ? 9.343   1.964   -10.164 1.00 26.64  ? 36 HOH B O     1 
HETATM 523 O O     . HOH D 2 .  ? -6.367  -5.941  -20.547 1.00 37.31  ? 37 HOH B O     1 
HETATM 524 O O     . HOH D 2 .  ? -5.447  -3.788  2.412   1.00 33.87  ? 38 HOH B O     1 
HETATM 525 O O     . HOH D 2 .  ? 3.559   -0.684  -10.991 1.00 43.56  ? 39 HOH B O     1 
HETATM 526 O O     . HOH D 2 .  ? -1.238  -5.146  16.032  1.00 48.37  ? 40 HOH B O     1 
HETATM 527 O O     . HOH D 2 .  ? 2.401   7.649   -0.512  1.00 38.12  ? 41 HOH B O     1 
HETATM 528 O O     . HOH D 2 .  ? 6.043   -1.537  -15.377 1.00 45.39  ? 43 HOH B O     1 
HETATM 529 O O     . HOH D 2 .  ? -4.992  5.766   6.415   1.00 36.01  ? 45 HOH B O     1 
HETATM 530 O O     . HOH D 2 .  ? -7.087  0.126   -13.915 1.00 36.86  ? 46 HOH B O     1 
HETATM 531 O O     . HOH D 2 .  ? 8.164   3.703   -6.959  1.00 51.67  ? 47 HOH B O     1 
HETATM 532 O O     . HOH D 2 .  ? 1.431   -4.230  -15.263 1.00 49.05  ? 48 HOH B O     1 
HETATM 533 O O     . HOH D 2 .  ? 6.796   -16.510 16.429  1.00 47.16  ? 49 HOH B O     1 
HETATM 534 O O     . HOH D 2 .  ? -0.461  3.688   6.654   1.00 37.87  ? 50 HOH B O     1 
HETATM 535 O O     . HOH D 2 .  ? 1.402   -13.689 10.322  1.00 41.49  ? 51 HOH B O     1 
HETATM 536 O O     . HOH D 2 .  ? -2.919  3.430   10.052  1.00 37.64  ? 52 HOH B O     1 
HETATM 537 O O     . HOH D 2 .  ? 0.710   -15.205 7.861   1.00 52.64  ? 56 HOH B O     1 
HETATM 538 O O     . HOH D 2 .  ? -7.345  -1.650  1.328   1.00 38.30  ? 60 HOH B O     1 
HETATM 539 O O     . HOH D 2 .  ? -0.874  10.515  3.367   1.00 53.03  ? 61 HOH B O     1 
HETATM 540 O O     . HOH D 2 .  ? 2.245   -2.408  -12.806 1.00 49.89  ? 62 HOH B O     1 
HETATM 541 O O     . HOH D 2 .  ? 13.185  -11.162 17.406  1.00 45.18  ? 64 HOH B O     1 
HETATM 542 O O     . HOH D 2 .  ? -4.533  -10.728 7.827   1.00 56.27  ? 65 HOH B O     1 
HETATM 543 O O     . HOH D 2 .  ? -3.204  3.734   6.835   1.00 45.34  ? 66 HOH B O     1 
HETATM 544 O O     . HOH D 2 .  ? -11.547 1.789   3.366   1.00 42.21  ? 67 HOH B O     1 
HETATM 545 O O     . HOH D 2 .  ? 3.154   3.200   2.023   1.00 36.25  ? 68 HOH B O     1 
HETATM 546 O O     . HOH D 2 .  ? -8.356  1.094   0.734   1.00 43.66  ? 69 HOH B O     1 
HETATM 547 O O     . HOH D 2 .  ? 2.188   1.745   7.258   1.00 63.01  ? 74 HOH B O     1 
HETATM 548 O O     . HOH D 2 .  ? 4.402   -9.148  17.642  1.00 44.40  ? 76 HOH B O     1 
HETATM 549 O O     . HOH D 2 .  ? 3.658   -10.683 9.748   1.00 65.43  ? 77 HOH B O     1 
HETATM 550 O O     . HOH D 2 .  ? 8.915   -15.297 17.660  1.00 52.27  ? 78 HOH B O     1 
HETATM 551 O O     . HOH D 2 .  ? 8.262   6.848   -7.173  1.00 64.91  ? 79 HOH B O     1 
HETATM 552 O O     . HOH D 2 .  ? -2.518  6.865   -4.772  1.00 53.06  ? 83 HOH B O     1 
HETATM 553 O O     . HOH D 2 .  ? 3.014   -12.047 17.202  1.00 93.70  ? 86 HOH B O     1 
HETATM 554 O O     . HOH D 2 .  ? -10.065 -1.806  10.745  1.00 86.16  ? 87 HOH B O     1 
HETATM 555 O O     . HOH D 2 .  ? -8.179  5.529   5.254   1.00 80.89  ? 90 HOH B O     1 
HETATM 556 O O     . HOH D 2 .  ? 2.894   4.125   8.324   1.00 112.87 ? 93 HOH B O     1 
# 
